data_4CHT
#
_entry.id   4CHT
#
_cell.length_a   93.360
_cell.length_b   93.360
_cell.length_c   381.620
_cell.angle_alpha   90.00
_cell.angle_beta   90.00
_cell.angle_gamma   90.00
#
_symmetry.space_group_name_H-M   'P 41 21 2'
#
loop_
_entity.id
_entity.type
_entity.pdbx_description
1 polymer 'DNA TOPOISOMERASE 3-ALPHA'
2 polymer 'RECQ-MEDIATED GENOME INSTABILITY PROTEIN 1'
3 non-polymer 'CALCIUM ION'
4 water water
#
loop_
_entity_poly.entity_id
_entity_poly.type
_entity_poly.pdbx_seq_one_letter_code
_entity_poly.pdbx_strand_id
1 'polypeptide(L)'
;GGRIFPVARYALRWLRRPEDRAFSRAAMEMALRGVRKVLCVAEKNDAAKGIADLLSNGRMRRREGLSKFNKIYEFDYHLY
GQNVTMVMTSVSGHLLAHDFQMQFRKWQSCNPLVLFEAEIEKYCPENFVDIKKTLERETRQCQALVIWTDCDREGENIGF
EIIHVCKAVKPNLQVLRARFSEITPHAVRTACENLTEPDQRVSDAVDVRQELDLRIGAAFTRFQTLRLQRIFPEVLAEQL
ISYGSCQFPTLGFVVERFKAIQAFVPEIFHRIKVTHDHKDGIVEFNWKRHRLFNHTACLVLYQLCVEDPMATVVEVRSKP
KSKWRPQALDTVELEKLASRKLRINAKETMRIAEKLYTQGYISYPRTETNIFPRDLNLTVLVEQQTPDPRWGAFAQSILE
RGGPTPRNGNKSDQAHPPIHPTKYTNNLQGDEQRLYEFIVRHFLACCSQDAQGQETTVEIDIAQERFVAHGLMILARNYL
DVYPYDHWSDKILPVYEQGSHFQPSTVEMVDGETSPPKLLTEADLIALMEKHGIGTDATHAEHIETIKARMYVGLTPDKR
FLPGHLGMGLVEGYDSMGYEMSKPDLRAELEADLKLICDGKKDKFVVLRQQVQKYKQVFIEAVAKAKKLDEALAQYFGNG
TELAQQEDIYPAMPEPIRKCPQCNKDMVLKTKKNGGFYLSCMGFPECRSAVWLPDSVLEASRDSSVCPVCQPHPVYRLKL
KFKRGSLPPTMPLEFVCCIGGCDDTLREILDLRFS
;
A
2 'polypeptide(L)'
;MNVTSIALRAETWLLAAWHVKVPPMWLEACINWIQEENNNVNLSQAQMNKQVFEQWLLTDLRDLEHPLLPDGILEIPKGE
LNGFYALQINSLVDVSQPAYSQIQKLRGKNTTNDLVTAEAQVTPKPWEAKPSRMLMLQLTDGIVQIQGMEYQPIPILHSD
LPPGTKILIYGNISFRLGVLLLKPENVKVLGGEVDALLEEYAQEKVLARLIGEPDLVVS
;
B
#
# COMPACT_ATOMS: atom_id res chain seq x y z
N PHE A 23 -8.87 38.57 -21.58
CA PHE A 23 -9.69 37.34 -21.62
C PHE A 23 -10.22 36.99 -23.08
N SER A 24 -11.17 37.80 -23.67
CA SER A 24 -11.71 37.57 -25.04
C SER A 24 -10.70 37.86 -26.19
N ARG A 25 -10.98 37.38 -27.43
CA ARG A 25 -10.08 37.57 -28.59
C ARG A 25 -9.88 39.07 -28.87
N ALA A 26 -10.98 39.86 -28.77
CA ALA A 26 -10.97 41.31 -28.98
C ALA A 26 -10.12 42.00 -27.92
N ALA A 27 -10.18 41.50 -26.67
CA ALA A 27 -9.44 42.05 -25.54
C ALA A 27 -7.97 41.80 -25.72
N MET A 28 -7.61 40.62 -26.24
CA MET A 28 -6.23 40.21 -26.48
C MET A 28 -5.64 40.96 -27.65
N GLU A 29 -6.37 41.07 -28.76
CA GLU A 29 -5.90 41.80 -29.93
C GLU A 29 -5.65 43.25 -29.56
N MET A 30 -6.55 43.84 -28.75
CA MET A 30 -6.44 45.22 -28.28
C MET A 30 -5.19 45.37 -27.42
N ALA A 31 -4.93 44.40 -26.53
CA ALA A 31 -3.77 44.41 -25.67
C ALA A 31 -2.46 44.29 -26.48
N LEU A 32 -2.46 43.45 -27.52
CA LEU A 32 -1.29 43.22 -28.36
C LEU A 32 -0.95 44.40 -29.27
N ARG A 33 -1.92 45.30 -29.56
CA ARG A 33 -1.64 46.45 -30.42
C ARG A 33 -0.38 47.18 -29.98
N GLY A 34 0.45 47.53 -30.95
CA GLY A 34 1.70 48.24 -30.70
C GLY A 34 2.84 47.40 -30.16
N VAL A 35 2.64 46.07 -30.10
CA VAL A 35 3.68 45.17 -29.68
C VAL A 35 4.50 44.85 -30.92
N ARG A 36 5.83 45.00 -30.83
CA ARG A 36 6.72 44.71 -31.95
C ARG A 36 7.57 43.47 -31.62
N LYS A 37 8.14 43.42 -30.39
CA LYS A 37 8.96 42.29 -29.94
C LYS A 37 8.35 41.66 -28.73
N VAL A 38 8.23 40.33 -28.75
CA VAL A 38 7.69 39.51 -27.66
C VAL A 38 8.80 38.62 -27.08
N LEU A 39 9.19 38.84 -25.80
CA LEU A 39 10.20 38.03 -25.12
C LEU A 39 9.55 36.74 -24.61
N CYS A 40 10.04 35.58 -25.07
CA CYS A 40 9.53 34.28 -24.66
C CYS A 40 10.61 33.57 -23.87
N VAL A 41 10.27 32.97 -22.71
CA VAL A 41 11.26 32.31 -21.86
C VAL A 41 10.84 30.87 -21.49
N ALA A 42 11.69 29.88 -21.81
CA ALA A 42 11.46 28.46 -21.53
C ALA A 42 12.26 28.01 -20.30
N GLU A 43 11.98 26.80 -19.78
CA GLU A 43 12.61 26.27 -18.56
C GLU A 43 14.09 25.89 -18.76
N LYS A 44 14.46 25.41 -19.98
CA LYS A 44 15.80 24.97 -20.38
C LYS A 44 16.02 25.29 -21.86
N ASN A 45 17.28 25.42 -22.31
CA ASN A 45 17.61 25.79 -23.70
C ASN A 45 17.03 24.85 -24.77
N ASP A 46 16.95 23.55 -24.46
CA ASP A 46 16.45 22.53 -25.39
C ASP A 46 14.96 22.71 -25.63
N ALA A 47 14.23 23.19 -24.60
CA ALA A 47 12.80 23.50 -24.72
C ALA A 47 12.64 24.77 -25.56
N ALA A 48 13.52 25.78 -25.36
CA ALA A 48 13.54 27.03 -26.13
C ALA A 48 13.83 26.77 -27.60
N LYS A 49 14.88 25.99 -27.91
CA LYS A 49 15.28 25.61 -29.27
C LYS A 49 14.13 24.85 -29.95
N GLY A 50 13.53 23.92 -29.22
CA GLY A 50 12.44 23.07 -29.69
C GLY A 50 11.16 23.81 -30.01
N ILE A 51 10.69 24.66 -29.07
CA ILE A 51 9.46 25.44 -29.24
C ILE A 51 9.66 26.46 -30.37
N ALA A 52 10.82 27.16 -30.40
CA ALA A 52 11.15 28.13 -31.45
C ALA A 52 11.21 27.46 -32.84
N ASP A 53 11.80 26.26 -32.94
CA ASP A 53 11.90 25.52 -34.22
C ASP A 53 10.52 25.17 -34.79
N LEU A 54 9.60 24.76 -33.93
CA LEU A 54 8.25 24.35 -34.36
C LEU A 54 7.38 25.50 -34.80
N LEU A 55 7.38 26.62 -34.04
CA LEU A 55 6.57 27.82 -34.33
C LEU A 55 7.06 28.53 -35.58
N SER A 56 8.40 28.50 -35.82
CA SER A 56 9.04 29.18 -36.95
C SER A 56 9.17 28.29 -38.19
N ASN A 57 8.98 26.95 -38.08
CA ASN A 57 9.14 25.97 -39.17
C ASN A 57 10.63 25.91 -39.60
N GLY A 58 11.53 25.93 -38.61
CA GLY A 58 12.98 25.89 -38.78
C GLY A 58 13.60 27.18 -39.30
N ARG A 59 12.75 28.20 -39.56
CA ARG A 59 13.15 29.49 -40.11
C ARG A 59 13.80 30.41 -39.07
N MET A 60 13.76 30.02 -37.77
CA MET A 60 14.34 30.79 -36.64
C MET A 60 15.82 31.18 -36.90
N ARG A 61 16.25 32.34 -36.38
CA ARG A 61 17.61 32.86 -36.51
C ARG A 61 18.27 32.91 -35.15
N ARG A 62 19.32 32.10 -34.94
CA ARG A 62 20.01 32.02 -33.65
C ARG A 62 20.85 33.25 -33.36
N ARG A 63 20.84 33.68 -32.11
CA ARG A 63 21.57 34.82 -31.56
C ARG A 63 22.13 34.43 -30.18
N GLU A 64 23.14 35.16 -29.71
CA GLU A 64 23.80 34.83 -28.45
C GLU A 64 23.31 35.68 -27.28
N GLY A 65 23.16 35.02 -26.12
CA GLY A 65 22.81 35.67 -24.86
C GLY A 65 24.07 35.89 -24.03
N LEU A 66 23.94 36.48 -22.83
CA LEU A 66 25.10 36.71 -21.95
C LEU A 66 25.56 35.39 -21.30
N SER A 67 24.70 34.35 -21.37
CA SER A 67 24.99 32.98 -20.94
C SER A 67 25.24 32.15 -22.20
N LYS A 68 26.39 31.44 -22.26
CA LYS A 68 26.79 30.60 -23.39
C LYS A 68 25.84 29.42 -23.64
N PHE A 69 25.18 28.89 -22.59
CA PHE A 69 24.28 27.74 -22.68
C PHE A 69 22.82 28.12 -22.88
N ASN A 70 22.48 29.41 -22.77
CA ASN A 70 21.12 29.91 -22.95
C ASN A 70 21.09 30.92 -24.11
N LYS A 71 20.82 30.40 -25.33
CA LYS A 71 20.75 31.10 -26.62
C LYS A 71 19.45 31.88 -26.81
N ILE A 72 19.44 32.79 -27.81
CA ILE A 72 18.28 33.58 -28.23
C ILE A 72 17.88 33.16 -29.65
N TYR A 73 16.61 32.84 -29.87
CA TYR A 73 16.12 32.41 -31.19
C TYR A 73 15.04 33.39 -31.63
N GLU A 74 15.41 34.35 -32.48
CA GLU A 74 14.48 35.34 -33.02
C GLU A 74 13.76 34.74 -34.23
N PHE A 75 12.47 35.05 -34.40
CA PHE A 75 11.65 34.58 -35.53
C PHE A 75 10.38 35.40 -35.63
N ASP A 76 9.91 35.63 -36.86
CA ASP A 76 8.66 36.39 -37.06
C ASP A 76 7.48 35.46 -36.82
N TYR A 77 6.46 35.95 -36.09
CA TYR A 77 5.24 35.18 -35.79
C TYR A 77 4.06 36.14 -35.71
N HIS A 78 2.86 35.60 -35.87
CA HIS A 78 1.62 36.34 -35.84
C HIS A 78 0.86 36.01 -34.55
N LEU A 79 0.76 36.98 -33.62
CA LEU A 79 0.04 36.82 -32.34
C LEU A 79 -1.20 37.68 -32.33
N TYR A 80 -2.37 37.07 -32.11
CA TYR A 80 -3.66 37.76 -32.02
C TYR A 80 -3.76 38.93 -33.01
N GLY A 81 -3.59 38.62 -34.29
CA GLY A 81 -3.66 39.60 -35.36
C GLY A 81 -2.60 40.68 -35.40
N GLN A 82 -1.43 40.44 -34.80
CA GLN A 82 -0.32 41.38 -34.78
C GLN A 82 0.97 40.68 -35.14
N ASN A 83 1.65 41.13 -36.20
CA ASN A 83 2.93 40.55 -36.62
C ASN A 83 4.04 41.03 -35.69
N VAL A 84 4.66 40.08 -34.96
CA VAL A 84 5.70 40.38 -33.97
C VAL A 84 6.98 39.60 -34.26
N THR A 85 8.08 39.97 -33.57
CA THR A 85 9.34 39.25 -33.60
C THR A 85 9.40 38.55 -32.24
N MET A 86 9.44 37.22 -32.26
CA MET A 86 9.51 36.44 -31.04
C MET A 86 10.96 36.23 -30.67
N VAL A 87 11.35 36.77 -29.50
CA VAL A 87 12.70 36.64 -28.93
C VAL A 87 12.64 35.47 -27.93
N MET A 88 12.86 34.25 -28.41
CA MET A 88 12.77 33.05 -27.58
C MET A 88 14.12 32.70 -26.92
N THR A 89 14.18 32.80 -25.59
CA THR A 89 15.37 32.47 -24.81
C THR A 89 14.94 31.48 -23.71
N SER A 90 15.81 31.21 -22.73
CA SER A 90 15.52 30.28 -21.65
C SER A 90 16.28 30.61 -20.38
N VAL A 91 15.91 29.93 -19.31
CA VAL A 91 16.57 29.93 -18.02
C VAL A 91 17.14 28.52 -17.86
N SER A 92 17.76 28.21 -16.73
CA SER A 92 18.27 26.86 -16.51
C SER A 92 17.71 26.40 -15.18
N GLY A 93 16.41 26.13 -15.22
CA GLY A 93 15.63 25.77 -14.04
C GLY A 93 15.39 27.02 -13.22
N HIS A 94 15.43 26.88 -11.89
CA HIS A 94 15.20 27.98 -10.96
C HIS A 94 16.29 29.02 -11.06
N LEU A 95 15.88 30.25 -11.36
CA LEU A 95 16.74 31.42 -11.52
C LEU A 95 17.10 32.03 -10.17
N LEU A 96 16.20 31.88 -9.17
CA LEU A 96 16.41 32.46 -7.84
C LEU A 96 16.52 31.39 -6.77
N ALA A 97 17.44 31.62 -5.83
CA ALA A 97 17.73 30.77 -4.67
C ALA A 97 17.15 31.40 -3.41
N HIS A 98 16.56 30.59 -2.53
CA HIS A 98 16.03 31.04 -1.25
C HIS A 98 16.97 30.60 -0.14
N ASP A 99 17.18 31.47 0.83
CA ASP A 99 18.03 31.22 2.00
C ASP A 99 17.70 32.28 3.06
N PHE A 100 18.17 32.07 4.29
CA PHE A 100 18.03 33.04 5.38
C PHE A 100 18.96 34.20 5.10
N GLN A 101 18.88 35.28 5.88
CA GLN A 101 19.82 36.39 5.73
C GLN A 101 21.24 35.88 6.08
N MET A 102 22.29 36.64 5.72
CA MET A 102 23.68 36.28 6.00
C MET A 102 23.91 35.98 7.51
N GLN A 103 23.28 36.78 8.40
CA GLN A 103 23.42 36.70 9.85
C GLN A 103 23.03 35.33 10.45
N PHE A 104 22.03 34.65 9.85
CA PHE A 104 21.57 33.34 10.33
C PHE A 104 22.19 32.15 9.56
N ARG A 105 22.86 32.43 8.42
CA ARG A 105 23.45 31.45 7.50
C ARG A 105 24.52 30.56 8.14
N LYS A 106 25.36 31.14 9.03
CA LYS A 106 26.42 30.42 9.76
C LYS A 106 25.77 29.57 10.87
N TRP A 107 26.18 28.29 10.97
CA TRP A 107 25.61 27.35 11.95
C TRP A 107 25.83 27.76 13.40
N GLN A 108 27.03 28.28 13.73
CA GLN A 108 27.35 28.70 15.09
C GLN A 108 26.92 30.15 15.39
N SER A 109 26.19 30.79 14.44
CA SER A 109 25.74 32.18 14.58
C SER A 109 24.41 32.34 15.35
N CYS A 110 23.62 31.25 15.52
CA CYS A 110 22.32 31.32 16.21
C CYS A 110 21.85 29.96 16.68
N ASN A 111 20.86 29.95 17.61
CA ASN A 111 20.19 28.74 18.07
C ASN A 111 19.26 28.24 16.95
N PRO A 112 19.33 26.94 16.58
CA PRO A 112 18.46 26.43 15.50
C PRO A 112 16.96 26.78 15.63
N LEU A 113 16.44 26.95 16.86
CA LEU A 113 15.03 27.30 17.14
C LEU A 113 14.61 28.65 16.51
N VAL A 114 15.54 29.62 16.40
CA VAL A 114 15.27 30.95 15.84
C VAL A 114 14.98 30.87 14.31
N LEU A 115 15.39 29.78 13.65
CA LEU A 115 15.23 29.58 12.20
C LEU A 115 13.74 29.43 11.80
N PHE A 116 12.82 29.23 12.78
CA PHE A 116 11.38 29.16 12.53
C PHE A 116 10.79 30.57 12.29
N GLU A 117 11.54 31.62 12.65
CA GLU A 117 11.14 33.03 12.55
C GLU A 117 12.19 33.90 11.81
N ALA A 118 13.43 33.40 11.64
CA ALA A 118 14.53 34.11 10.99
C ALA A 118 14.16 34.56 9.56
N GLU A 119 14.40 35.86 9.24
CA GLU A 119 14.07 36.46 7.93
C GLU A 119 14.71 35.70 6.76
N ILE A 120 13.88 35.33 5.76
CA ILE A 120 14.29 34.59 4.56
C ILE A 120 14.22 35.53 3.35
N GLU A 121 15.22 35.43 2.46
CA GLU A 121 15.33 36.25 1.24
C GLU A 121 15.56 35.40 0.00
N LYS A 122 15.11 35.91 -1.16
CA LYS A 122 15.35 35.27 -2.46
C LYS A 122 16.48 36.04 -3.13
N TYR A 123 17.42 35.34 -3.77
CA TYR A 123 18.57 35.98 -4.43
C TYR A 123 18.98 35.23 -5.69
N CYS A 124 19.70 35.87 -6.61
CA CYS A 124 20.15 35.21 -7.84
C CYS A 124 21.61 34.72 -7.65
N PRO A 125 21.88 33.40 -7.77
CA PRO A 125 23.26 32.90 -7.62
C PRO A 125 24.22 33.41 -8.72
N GLU A 126 25.52 33.50 -8.39
CA GLU A 126 26.58 33.99 -9.29
C GLU A 126 26.56 33.31 -10.67
N ASN A 127 26.35 31.98 -10.72
CA ASN A 127 26.32 31.18 -11.95
C ASN A 127 25.10 31.48 -12.86
N PHE A 128 24.02 32.09 -12.30
CA PHE A 128 22.80 32.43 -13.04
C PHE A 128 22.67 33.93 -13.34
N VAL A 129 23.60 34.77 -12.82
CA VAL A 129 23.59 36.22 -13.01
C VAL A 129 23.63 36.59 -14.52
N ASP A 130 24.33 35.79 -15.35
CA ASP A 130 24.40 36.00 -16.81
C ASP A 130 22.99 35.87 -17.44
N ILE A 131 22.18 34.91 -16.95
CA ILE A 131 20.79 34.67 -17.40
C ILE A 131 19.94 35.85 -16.95
N LYS A 132 19.98 36.20 -15.64
CA LYS A 132 19.23 37.35 -15.09
C LYS A 132 19.49 38.60 -15.94
N LYS A 133 20.78 38.89 -16.24
CA LYS A 133 21.20 40.05 -17.04
C LYS A 133 20.72 39.98 -18.50
N THR A 134 20.60 38.74 -19.10
CA THR A 134 20.08 38.57 -20.48
C THR A 134 18.58 38.92 -20.52
N LEU A 135 17.79 38.39 -19.54
CA LEU A 135 16.35 38.68 -19.43
C LEU A 135 16.12 40.17 -19.30
N GLU A 136 16.89 40.84 -18.40
CA GLU A 136 16.83 42.29 -18.17
C GLU A 136 17.12 43.06 -19.48
N ARG A 137 18.19 42.65 -20.21
CA ARG A 137 18.67 43.22 -21.47
C ARG A 137 17.54 43.21 -22.54
N GLU A 138 16.95 42.01 -22.76
CA GLU A 138 15.90 41.78 -23.75
C GLU A 138 14.58 42.49 -23.38
N THR A 139 14.26 42.60 -22.06
CA THR A 139 13.04 43.28 -21.59
C THR A 139 13.01 44.72 -22.12
N ARG A 140 14.18 45.38 -22.20
CA ARG A 140 14.35 46.74 -22.70
C ARG A 140 13.85 46.87 -24.16
N GLN A 141 14.12 45.87 -25.01
CA GLN A 141 13.71 45.87 -26.43
C GLN A 141 12.31 45.22 -26.69
N CYS A 142 11.68 44.63 -25.66
CA CYS A 142 10.40 43.91 -25.80
C CYS A 142 9.25 44.59 -25.08
N GLN A 143 8.04 44.45 -25.65
CA GLN A 143 6.81 45.07 -25.16
C GLN A 143 5.89 44.09 -24.39
N ALA A 144 6.13 42.78 -24.53
CA ALA A 144 5.36 41.75 -23.87
C ALA A 144 6.28 40.59 -23.44
N LEU A 145 5.82 39.79 -22.47
CA LEU A 145 6.53 38.60 -21.95
C LEU A 145 5.58 37.40 -21.95
N VAL A 146 6.03 36.29 -22.57
CA VAL A 146 5.26 35.04 -22.60
C VAL A 146 6.09 33.96 -21.90
N ILE A 147 5.51 33.35 -20.84
CA ILE A 147 6.18 32.31 -20.08
C ILE A 147 5.91 30.94 -20.75
N TRP A 148 7.01 30.24 -21.12
CA TRP A 148 6.99 28.94 -21.78
C TRP A 148 7.64 27.85 -20.91
N THR A 149 7.67 28.04 -19.58
CA THR A 149 8.20 27.02 -18.66
C THR A 149 7.22 25.81 -18.64
N ASP A 150 7.68 24.60 -18.20
CA ASP A 150 6.83 23.40 -18.18
C ASP A 150 5.60 23.66 -17.33
N CYS A 151 4.47 23.06 -17.70
CA CYS A 151 3.22 23.38 -17.02
C CYS A 151 2.96 22.54 -15.76
N ASP A 152 3.78 22.80 -14.74
CA ASP A 152 3.66 22.19 -13.43
C ASP A 152 3.93 23.30 -12.39
N ARG A 153 3.77 22.98 -11.08
CA ARG A 153 3.95 23.92 -9.97
C ARG A 153 5.31 24.60 -10.02
N GLU A 154 6.42 23.82 -10.16
CA GLU A 154 7.76 24.39 -10.23
C GLU A 154 7.90 25.32 -11.42
N GLY A 155 7.35 24.90 -12.56
CA GLY A 155 7.31 25.67 -13.81
C GLY A 155 6.61 27.01 -13.66
N GLU A 156 5.52 27.06 -12.91
CA GLU A 156 4.83 28.32 -12.67
C GLU A 156 5.65 29.23 -11.74
N ASN A 157 6.36 28.63 -10.74
CA ASN A 157 7.22 29.37 -9.82
C ASN A 157 8.42 29.98 -10.58
N ILE A 158 9.03 29.20 -11.53
CA ILE A 158 10.15 29.66 -12.36
C ILE A 158 9.66 30.80 -13.21
N GLY A 159 8.43 30.67 -13.71
CA GLY A 159 7.77 31.70 -14.49
C GLY A 159 7.66 33.00 -13.72
N PHE A 160 7.30 32.92 -12.42
CA PHE A 160 7.16 34.12 -11.59
C PHE A 160 8.54 34.72 -11.24
N GLU A 161 9.63 33.90 -11.23
CA GLU A 161 11.00 34.38 -11.03
C GLU A 161 11.41 35.21 -12.25
N ILE A 162 11.03 34.75 -13.48
CA ILE A 162 11.31 35.45 -14.75
C ILE A 162 10.50 36.76 -14.77
N ILE A 163 9.21 36.73 -14.33
CA ILE A 163 8.32 37.90 -14.29
C ILE A 163 8.92 39.00 -13.38
N HIS A 164 9.33 38.66 -12.15
CA HIS A 164 9.90 39.59 -11.19
C HIS A 164 11.11 40.35 -11.75
N VAL A 165 12.02 39.64 -12.47
CA VAL A 165 13.27 40.14 -13.06
C VAL A 165 12.97 41.16 -14.15
N CYS A 166 12.04 40.81 -15.07
CA CYS A 166 11.62 41.65 -16.20
C CYS A 166 10.78 42.86 -15.73
N LYS A 167 9.87 42.66 -14.76
CA LYS A 167 9.02 43.73 -14.21
C LYS A 167 9.87 44.77 -13.46
N ALA A 168 11.09 44.39 -13.02
CA ALA A 168 12.04 45.30 -12.40
C ALA A 168 12.53 46.36 -13.44
N VAL A 169 12.61 45.96 -14.73
CA VAL A 169 13.00 46.80 -15.86
C VAL A 169 11.75 47.61 -16.28
N LYS A 170 10.69 46.92 -16.73
CA LYS A 170 9.42 47.51 -17.17
C LYS A 170 8.28 47.08 -16.20
N PRO A 171 7.87 47.93 -15.23
CA PRO A 171 6.82 47.51 -14.28
C PRO A 171 5.44 47.31 -14.91
N ASN A 172 5.18 47.94 -16.07
CA ASN A 172 3.92 47.84 -16.79
C ASN A 172 3.99 46.84 -17.97
N LEU A 173 4.95 45.91 -17.92
CA LEU A 173 5.15 44.90 -18.98
C LEU A 173 3.97 43.94 -19.02
N GLN A 174 3.43 43.70 -20.23
CA GLN A 174 2.32 42.78 -20.45
C GLN A 174 2.82 41.34 -20.27
N VAL A 175 2.31 40.62 -19.26
CA VAL A 175 2.76 39.23 -19.01
C VAL A 175 1.65 38.24 -19.32
N LEU A 176 1.99 37.25 -20.18
CA LEU A 176 1.12 36.16 -20.62
C LEU A 176 1.77 34.85 -20.33
N ARG A 177 0.98 33.77 -20.36
CA ARG A 177 1.42 32.42 -20.03
C ARG A 177 0.91 31.43 -21.07
N ALA A 178 1.84 30.68 -21.68
CA ALA A 178 1.56 29.65 -22.67
C ALA A 178 1.42 28.31 -21.96
N ARG A 179 0.22 27.69 -22.10
CA ARG A 179 -0.13 26.40 -21.49
C ARG A 179 -0.09 25.30 -22.58
N PHE A 180 0.68 24.24 -22.34
CA PHE A 180 0.90 23.13 -23.27
C PHE A 180 1.28 21.84 -22.52
N SER A 181 0.89 20.67 -23.07
CA SER A 181 1.19 19.38 -22.45
C SER A 181 2.13 18.52 -23.31
N GLU A 182 2.66 19.10 -24.41
CA GLU A 182 3.57 18.42 -25.33
C GLU A 182 4.23 19.42 -26.24
N ILE A 183 5.43 19.06 -26.77
CA ILE A 183 6.17 19.92 -27.68
C ILE A 183 6.00 19.33 -29.11
N THR A 184 4.86 19.66 -29.72
CA THR A 184 4.44 19.24 -31.06
C THR A 184 3.92 20.47 -31.81
N PRO A 185 4.04 20.55 -33.17
CA PRO A 185 3.54 21.75 -33.89
C PRO A 185 2.12 22.18 -33.55
N HIS A 186 1.16 21.25 -33.40
CA HIS A 186 -0.22 21.62 -33.06
C HIS A 186 -0.33 22.20 -31.64
N ALA A 187 0.38 21.61 -30.66
CA ALA A 187 0.30 22.05 -29.27
C ALA A 187 0.86 23.45 -29.06
N VAL A 188 2.04 23.75 -29.63
CA VAL A 188 2.71 25.04 -29.45
C VAL A 188 1.98 26.16 -30.23
N ARG A 189 1.33 25.81 -31.35
CA ARG A 189 0.56 26.75 -32.16
C ARG A 189 -0.73 27.13 -31.43
N THR A 190 -1.39 26.14 -30.80
CA THR A 190 -2.62 26.32 -30.02
C THR A 190 -2.32 27.13 -28.74
N ALA A 191 -1.12 26.95 -28.17
CA ALA A 191 -0.69 27.66 -26.97
C ALA A 191 -0.66 29.17 -27.24
N CYS A 192 -0.25 29.57 -28.47
CA CYS A 192 -0.16 30.96 -28.92
C CYS A 192 -1.53 31.58 -29.15
N GLU A 193 -2.52 30.76 -29.53
CA GLU A 193 -3.89 31.20 -29.80
C GLU A 193 -4.70 31.20 -28.49
N ASN A 194 -4.15 30.62 -27.41
CA ASN A 194 -4.85 30.53 -26.13
C ASN A 194 -3.95 30.93 -24.94
N LEU A 195 -3.30 32.11 -25.05
CA LEU A 195 -2.43 32.61 -23.98
C LEU A 195 -3.31 33.01 -22.83
N THR A 196 -2.83 32.74 -21.63
CA THR A 196 -3.58 33.00 -20.43
C THR A 196 -2.76 33.88 -19.44
N GLU A 197 -3.29 34.10 -18.25
CA GLU A 197 -2.67 34.90 -17.22
C GLU A 197 -1.82 33.95 -16.34
N PRO A 198 -0.61 34.35 -15.86
CA PRO A 198 0.18 33.45 -15.01
C PRO A 198 -0.48 33.28 -13.64
N ASP A 199 -0.62 32.00 -13.18
CA ASP A 199 -1.29 31.62 -11.92
C ASP A 199 -0.40 31.87 -10.69
N GLN A 200 -0.72 32.93 -9.93
CA GLN A 200 0.00 33.34 -8.72
C GLN A 200 -0.27 32.32 -7.58
N ARG A 201 -1.47 31.69 -7.55
CA ARG A 201 -1.86 30.69 -6.55
C ARG A 201 -0.93 29.49 -6.53
N VAL A 202 -0.61 28.91 -7.71
CA VAL A 202 0.25 27.72 -7.75
C VAL A 202 1.70 28.11 -7.43
N SER A 203 2.12 29.33 -7.83
CA SER A 203 3.46 29.85 -7.55
C SER A 203 3.62 30.03 -6.05
N ASP A 204 2.56 30.54 -5.36
CA ASP A 204 2.52 30.79 -3.92
C ASP A 204 2.67 29.49 -3.14
N ALA A 205 2.02 28.40 -3.60
CA ALA A 205 2.14 27.10 -2.97
C ALA A 205 3.56 26.61 -3.03
N VAL A 206 4.30 26.93 -4.12
CA VAL A 206 5.71 26.53 -4.22
C VAL A 206 6.53 27.37 -3.23
N ASP A 207 6.30 28.71 -3.14
CA ASP A 207 6.99 29.60 -2.20
C ASP A 207 6.76 29.18 -0.74
N VAL A 208 5.53 28.68 -0.41
CA VAL A 208 5.19 28.18 0.93
C VAL A 208 6.01 26.90 1.19
N ARG A 209 5.95 25.90 0.27
CA ARG A 209 6.70 24.66 0.42
C ARG A 209 8.22 24.95 0.56
N GLN A 210 8.77 25.85 -0.28
CA GLN A 210 10.18 26.21 -0.25
C GLN A 210 10.59 26.76 1.12
N GLU A 211 9.76 27.64 1.72
CA GLU A 211 9.94 28.28 3.02
C GLU A 211 9.88 27.25 4.17
N LEU A 212 8.83 26.41 4.19
CA LEU A 212 8.65 25.40 5.23
C LEU A 212 9.81 24.41 5.21
N ASP A 213 10.24 23.97 3.99
CA ASP A 213 11.32 23.01 3.82
C ASP A 213 12.65 23.56 4.34
N LEU A 214 12.90 24.87 4.13
CA LEU A 214 14.10 25.54 4.59
C LEU A 214 14.12 25.65 6.12
N ARG A 215 12.99 26.09 6.73
CA ARG A 215 12.86 26.30 8.16
C ARG A 215 12.92 24.99 8.93
N ILE A 216 12.05 24.01 8.60
CA ILE A 216 11.99 22.70 9.27
C ILE A 216 13.30 21.95 9.01
N GLY A 217 13.78 22.03 7.76
CA GLY A 217 15.01 21.38 7.34
C GLY A 217 16.20 21.87 8.14
N ALA A 218 16.45 23.20 8.14
CA ALA A 218 17.58 23.83 8.83
C ALA A 218 17.56 23.61 10.34
N ALA A 219 16.42 23.91 11.03
CA ALA A 219 16.25 23.78 12.47
C ALA A 219 16.56 22.38 12.96
N PHE A 220 15.90 21.36 12.39
CA PHE A 220 16.12 19.97 12.79
C PHE A 220 17.49 19.43 12.35
N THR A 221 18.04 19.85 11.18
CA THR A 221 19.36 19.37 10.72
C THR A 221 20.43 19.88 11.65
N ARG A 222 20.49 21.21 11.87
CA ARG A 222 21.49 21.84 12.73
C ARG A 222 21.44 21.27 14.13
N PHE A 223 20.21 21.08 14.68
CA PHE A 223 20.01 20.50 16.01
C PHE A 223 20.65 19.13 16.11
N GLN A 224 20.27 18.17 15.22
CA GLN A 224 20.77 16.79 15.35
C GLN A 224 22.23 16.65 14.91
N THR A 225 22.65 17.27 13.78
CA THR A 225 24.03 17.15 13.31
C THR A 225 24.99 17.59 14.41
N LEU A 226 24.80 18.81 14.95
CA LEU A 226 25.67 19.36 16.00
C LEU A 226 25.65 18.50 17.25
N ARG A 227 24.46 18.00 17.67
CA ARG A 227 24.34 17.19 18.89
C ARG A 227 25.04 15.84 18.73
N LEU A 228 24.68 15.10 17.66
CA LEU A 228 25.22 13.75 17.41
C LEU A 228 26.72 13.77 17.08
N GLN A 229 27.25 14.89 16.54
CA GLN A 229 28.69 15.05 16.29
C GLN A 229 29.45 15.20 17.60
N ARG A 230 28.80 15.80 18.63
CA ARG A 230 29.41 15.97 19.94
C ARG A 230 29.31 14.66 20.75
N ILE A 231 28.16 13.92 20.62
CA ILE A 231 27.90 12.66 21.34
C ILE A 231 28.74 11.51 20.74
N PHE A 232 28.71 11.32 19.40
CA PHE A 232 29.47 10.24 18.73
C PHE A 232 30.54 10.82 17.81
N PRO A 233 31.69 11.27 18.37
CA PRO A 233 32.70 11.93 17.52
C PRO A 233 33.45 10.98 16.59
N GLU A 234 33.79 9.76 17.06
CA GLU A 234 34.53 8.81 16.23
C GLU A 234 33.69 8.23 15.09
N VAL A 235 32.36 8.08 15.30
CA VAL A 235 31.44 7.48 14.35
C VAL A 235 30.89 8.52 13.34
N LEU A 236 30.42 9.69 13.84
CA LEU A 236 29.77 10.68 12.97
C LEU A 236 30.59 11.98 12.77
N ALA A 237 31.93 11.89 12.78
CA ALA A 237 32.81 13.04 12.57
C ALA A 237 32.62 13.63 11.18
N GLU A 238 32.45 14.96 11.10
CA GLU A 238 32.26 15.74 9.87
C GLU A 238 31.10 15.25 8.97
N GLN A 239 30.25 14.31 9.47
CA GLN A 239 29.11 13.75 8.74
C GLN A 239 27.83 14.58 8.97
N LEU A 240 27.03 14.77 7.88
CA LEU A 240 25.79 15.54 7.98
C LEU A 240 24.56 14.66 8.21
N ILE A 241 23.94 14.82 9.39
CA ILE A 241 22.73 14.12 9.77
C ILE A 241 21.57 15.08 9.43
N SER A 242 21.08 14.98 8.20
CA SER A 242 20.05 15.87 7.70
C SER A 242 18.64 15.42 8.08
N TYR A 243 17.72 16.39 8.18
CA TYR A 243 16.31 16.15 8.46
C TYR A 243 15.48 16.85 7.37
N GLY A 244 14.48 16.12 6.87
CA GLY A 244 13.51 16.58 5.88
C GLY A 244 12.13 16.23 6.37
N SER A 245 11.14 17.15 6.20
CA SER A 245 9.78 16.90 6.66
C SER A 245 9.16 15.71 5.92
N CYS A 246 9.66 15.39 4.68
CA CYS A 246 9.20 14.27 3.85
C CYS A 246 10.19 13.10 3.85
N GLN A 247 11.51 13.37 3.90
CA GLN A 247 12.51 12.31 3.88
C GLN A 247 12.42 11.44 5.16
N PHE A 248 12.00 12.05 6.30
CA PHE A 248 11.89 11.32 7.55
C PHE A 248 10.75 10.27 7.48
N PRO A 249 9.45 10.60 7.16
CA PRO A 249 8.43 9.54 7.05
C PRO A 249 8.69 8.50 5.95
N THR A 250 9.53 8.83 4.93
CA THR A 250 9.94 7.94 3.83
C THR A 250 10.87 6.89 4.40
N LEU A 251 11.82 7.33 5.25
CA LEU A 251 12.75 6.45 5.95
C LEU A 251 11.93 5.58 6.92
N GLY A 252 10.93 6.19 7.56
CA GLY A 252 10.02 5.54 8.49
C GLY A 252 9.35 4.30 7.92
N PHE A 253 8.97 4.32 6.62
CA PHE A 253 8.34 3.16 5.97
C PHE A 253 9.30 1.99 5.85
N VAL A 254 10.58 2.30 5.54
CA VAL A 254 11.65 1.33 5.37
C VAL A 254 11.99 0.71 6.71
N VAL A 255 12.05 1.50 7.79
CA VAL A 255 12.37 1.00 9.14
C VAL A 255 11.17 0.17 9.67
N GLU A 256 9.93 0.66 9.41
CA GLU A 256 8.67 -0.01 9.80
C GLU A 256 8.59 -1.42 9.23
N ARG A 257 8.93 -1.58 7.93
CA ARG A 257 8.91 -2.87 7.25
C ARG A 257 10.01 -3.81 7.78
N PHE A 258 11.23 -3.28 7.99
CA PHE A 258 12.34 -4.07 8.53
C PHE A 258 11.92 -4.66 9.90
N LYS A 259 11.33 -3.81 10.77
CA LYS A 259 10.87 -4.17 12.11
C LYS A 259 9.76 -5.26 12.05
N ALA A 260 8.87 -5.15 11.04
CA ALA A 260 7.77 -6.09 10.82
C ALA A 260 8.30 -7.52 10.59
N ILE A 261 9.36 -7.62 9.75
CA ILE A 261 10.08 -8.85 9.39
C ILE A 261 10.77 -9.39 10.64
N GLN A 262 11.49 -8.50 11.38
CA GLN A 262 12.21 -8.80 12.63
C GLN A 262 11.28 -9.46 13.66
N ALA A 263 10.05 -8.92 13.81
CA ALA A 263 9.02 -9.36 14.74
C ALA A 263 8.24 -10.60 14.30
N PHE A 264 8.12 -10.82 12.99
CA PHE A 264 7.34 -11.92 12.42
C PHE A 264 7.77 -13.29 12.91
N VAL A 265 6.75 -14.06 13.32
CA VAL A 265 6.87 -15.44 13.80
C VAL A 265 6.28 -16.40 12.73
N PRO A 266 7.13 -17.15 12.00
CA PRO A 266 6.59 -18.14 11.06
C PRO A 266 5.98 -19.34 11.82
N GLU A 267 4.93 -19.95 11.23
CA GLU A 267 4.21 -21.08 11.81
C GLU A 267 4.06 -22.21 10.81
N ILE A 268 4.27 -23.46 11.28
CA ILE A 268 4.12 -24.66 10.45
C ILE A 268 2.63 -24.94 10.25
N PHE A 269 2.23 -25.22 9.02
CA PHE A 269 0.86 -25.60 8.69
C PHE A 269 0.89 -26.90 7.91
N HIS A 270 -0.24 -27.60 7.86
CA HIS A 270 -0.35 -28.89 7.18
C HIS A 270 -1.54 -28.87 6.23
N ARG A 271 -1.43 -29.61 5.13
CA ARG A 271 -2.45 -29.64 4.09
C ARG A 271 -2.47 -31.02 3.42
N ILE A 272 -3.66 -31.47 3.01
CA ILE A 272 -3.84 -32.73 2.28
C ILE A 272 -3.77 -32.41 0.80
N LYS A 273 -2.75 -32.95 0.10
CA LYS A 273 -2.51 -32.74 -1.33
C LYS A 273 -3.01 -33.97 -2.09
N VAL A 274 -4.00 -33.82 -3.00
CA VAL A 274 -4.47 -34.96 -3.80
C VAL A 274 -4.21 -34.66 -5.28
N THR A 275 -3.44 -35.55 -5.92
CA THR A 275 -3.07 -35.41 -7.33
C THR A 275 -3.64 -36.58 -8.12
N HIS A 276 -3.90 -36.34 -9.42
CA HIS A 276 -4.41 -37.34 -10.34
C HIS A 276 -3.69 -37.22 -11.68
N ASP A 277 -2.94 -38.28 -12.06
CA ASP A 277 -2.13 -38.35 -13.28
C ASP A 277 -2.96 -38.49 -14.56
N HIS A 278 -2.63 -37.66 -15.57
CA HIS A 278 -3.20 -37.70 -16.92
C HIS A 278 -2.01 -37.78 -17.90
N LYS A 279 -2.27 -38.35 -19.11
CA LYS A 279 -1.34 -38.61 -20.23
C LYS A 279 -0.24 -37.55 -20.36
N ASP A 280 -0.60 -36.24 -20.43
CA ASP A 280 0.37 -35.15 -20.61
C ASP A 280 0.33 -34.11 -19.48
N GLY A 281 0.06 -34.55 -18.25
CA GLY A 281 0.03 -33.66 -17.10
C GLY A 281 -0.71 -34.16 -15.88
N ILE A 282 -0.13 -33.88 -14.69
CA ILE A 282 -0.70 -34.23 -13.39
C ILE A 282 -1.68 -33.14 -12.98
N VAL A 283 -2.87 -33.54 -12.51
CA VAL A 283 -3.92 -32.63 -12.06
C VAL A 283 -3.81 -32.53 -10.53
N GLU A 284 -3.66 -31.32 -9.98
CA GLU A 284 -3.58 -31.17 -8.52
C GLU A 284 -4.87 -30.54 -7.99
N PHE A 285 -5.59 -31.31 -7.14
CA PHE A 285 -6.82 -30.86 -6.49
C PHE A 285 -6.45 -30.25 -5.14
N ASN A 286 -6.84 -28.99 -4.93
CA ASN A 286 -6.52 -28.22 -3.72
C ASN A 286 -7.62 -28.34 -2.66
N TRP A 287 -7.23 -28.69 -1.42
CA TRP A 287 -8.10 -28.86 -0.26
C TRP A 287 -8.97 -27.63 0.00
N LYS A 288 -10.31 -27.84 0.13
CA LYS A 288 -11.25 -26.73 0.40
C LYS A 288 -11.06 -26.13 1.82
N ARG A 289 -10.40 -26.88 2.71
CA ARG A 289 -10.07 -26.44 4.06
C ARG A 289 -8.77 -25.63 4.05
N HIS A 290 -8.09 -25.63 2.87
CA HIS A 290 -6.89 -24.87 2.51
C HIS A 290 -5.64 -25.33 3.29
N ARG A 291 -5.60 -25.12 4.62
CA ARG A 291 -4.48 -25.51 5.48
C ARG A 291 -4.86 -25.39 6.95
N LEU A 292 -4.19 -26.19 7.82
CA LEU A 292 -4.41 -26.20 9.26
C LEU A 292 -3.11 -26.03 10.04
N PHE A 293 -3.15 -25.21 11.10
CA PHE A 293 -2.01 -24.91 11.97
C PHE A 293 -2.03 -25.82 13.18
N ASN A 294 -2.34 -27.11 12.96
CA ASN A 294 -2.42 -28.15 13.98
C ASN A 294 -2.18 -29.49 13.32
N HIS A 295 -1.13 -30.19 13.75
CA HIS A 295 -0.75 -31.48 13.18
C HIS A 295 -1.85 -32.52 13.39
N THR A 296 -2.34 -32.71 14.64
CA THR A 296 -3.37 -33.71 14.97
C THR A 296 -4.67 -33.48 14.19
N ALA A 297 -5.09 -32.21 14.02
CA ALA A 297 -6.30 -31.85 13.27
C ALA A 297 -6.22 -32.32 11.82
N CYS A 298 -5.06 -32.11 11.17
CA CYS A 298 -4.85 -32.51 9.79
C CYS A 298 -4.60 -34.02 9.67
N LEU A 299 -3.84 -34.61 10.62
CA LEU A 299 -3.51 -36.06 10.65
C LEU A 299 -4.77 -36.90 10.67
N VAL A 300 -5.77 -36.48 11.48
CA VAL A 300 -7.06 -37.13 11.66
C VAL A 300 -7.84 -37.11 10.34
N LEU A 301 -7.91 -35.95 9.69
CA LEU A 301 -8.61 -35.77 8.41
C LEU A 301 -7.91 -36.55 7.29
N TYR A 302 -6.56 -36.61 7.31
CA TYR A 302 -5.75 -37.33 6.31
C TYR A 302 -5.94 -38.85 6.45
N GLN A 303 -5.97 -39.37 7.70
CA GLN A 303 -6.16 -40.78 8.00
C GLN A 303 -7.48 -41.25 7.45
N LEU A 304 -8.52 -40.38 7.50
CA LEU A 304 -9.86 -40.63 6.96
C LEU A 304 -9.80 -40.76 5.44
N CYS A 305 -8.86 -40.05 4.79
CA CYS A 305 -8.70 -40.02 3.35
C CYS A 305 -7.94 -41.23 2.82
N VAL A 306 -6.94 -41.79 3.56
CA VAL A 306 -6.19 -42.97 3.08
C VAL A 306 -7.10 -44.21 3.00
N GLU A 307 -7.96 -44.42 4.02
CA GLU A 307 -8.96 -45.51 4.06
C GLU A 307 -10.22 -44.97 3.34
N ASP A 308 -10.53 -45.54 2.16
CA ASP A 308 -11.61 -45.15 1.22
C ASP A 308 -11.21 -43.84 0.47
N PRO A 309 -10.15 -43.90 -0.38
CA PRO A 309 -9.72 -42.69 -1.09
C PRO A 309 -10.44 -42.48 -2.41
N MET A 310 -11.54 -43.21 -2.64
CA MET A 310 -12.28 -43.10 -3.89
C MET A 310 -12.92 -41.72 -4.03
N ALA A 311 -12.41 -40.97 -5.01
CA ALA A 311 -12.83 -39.62 -5.34
C ALA A 311 -14.05 -39.65 -6.24
N THR A 312 -15.08 -38.84 -5.93
CA THR A 312 -16.32 -38.70 -6.69
C THR A 312 -16.47 -37.25 -7.19
N VAL A 313 -16.76 -37.05 -8.50
CA VAL A 313 -16.89 -35.71 -9.06
C VAL A 313 -18.25 -35.13 -8.61
N VAL A 314 -18.17 -34.13 -7.71
CA VAL A 314 -19.30 -33.45 -7.08
C VAL A 314 -19.87 -32.42 -8.04
N GLU A 315 -19.05 -31.40 -8.38
CA GLU A 315 -19.43 -30.28 -9.24
C GLU A 315 -18.36 -29.97 -10.28
N VAL A 316 -18.77 -29.89 -11.54
CA VAL A 316 -17.94 -29.51 -12.67
C VAL A 316 -18.60 -28.24 -13.20
N ARG A 317 -18.09 -27.12 -12.71
CA ARG A 317 -18.60 -25.79 -13.01
C ARG A 317 -17.64 -25.03 -13.95
N SER A 318 -18.20 -24.16 -14.81
CA SER A 318 -17.45 -23.33 -15.76
C SER A 318 -18.17 -21.99 -16.01
N LYS A 319 -17.40 -20.90 -16.07
CA LYS A 319 -17.91 -19.53 -16.28
C LYS A 319 -16.90 -18.68 -17.07
N PRO A 320 -17.32 -17.61 -17.81
CA PRO A 320 -16.34 -16.79 -18.53
C PRO A 320 -15.51 -15.93 -17.56
N LYS A 321 -14.17 -15.93 -17.74
CA LYS A 321 -13.21 -15.14 -16.97
C LYS A 321 -12.51 -14.14 -17.89
N SER A 322 -12.22 -12.91 -17.40
CA SER A 322 -11.56 -11.87 -18.20
C SER A 322 -10.38 -11.23 -17.45
N LYS A 323 -9.32 -10.87 -18.18
CA LYS A 323 -8.16 -10.17 -17.64
C LYS A 323 -8.17 -8.75 -18.19
N TRP A 324 -8.24 -7.77 -17.28
CA TRP A 324 -8.37 -6.35 -17.65
C TRP A 324 -7.11 -5.74 -18.22
N ARG A 325 -7.30 -4.98 -19.33
CA ARG A 325 -6.25 -4.23 -20.02
C ARG A 325 -5.75 -3.12 -19.08
N PRO A 326 -4.52 -2.58 -19.24
CA PRO A 326 -4.06 -1.54 -18.30
C PRO A 326 -4.89 -0.27 -18.35
N GLN A 327 -4.94 0.41 -17.21
CA GLN A 327 -5.61 1.67 -17.03
C GLN A 327 -4.70 2.79 -17.56
N ALA A 328 -5.28 3.90 -18.07
CA ALA A 328 -4.53 5.04 -18.59
C ALA A 328 -3.38 5.44 -17.62
N LEU A 329 -2.18 5.68 -18.19
CA LEU A 329 -0.92 5.88 -17.46
C LEU A 329 -0.74 7.29 -16.85
N ASP A 330 -0.36 7.33 -15.57
CA ASP A 330 -0.02 8.54 -14.81
C ASP A 330 1.41 8.36 -14.28
N THR A 331 1.99 9.41 -13.67
CA THR A 331 3.40 9.39 -13.24
C THR A 331 3.72 8.24 -12.29
N VAL A 332 2.87 7.99 -11.29
CA VAL A 332 3.09 6.94 -10.29
C VAL A 332 3.15 5.55 -10.93
N GLU A 333 2.18 5.21 -11.81
CA GLU A 333 2.16 3.92 -12.48
C GLU A 333 3.38 3.74 -13.39
N LEU A 334 3.88 4.84 -13.98
CA LEU A 334 5.06 4.78 -14.84
C LEU A 334 6.30 4.50 -13.98
N GLU A 335 6.49 5.26 -12.88
CA GLU A 335 7.60 5.13 -11.94
C GLU A 335 7.71 3.70 -11.32
N LYS A 336 6.54 3.09 -11.01
CA LYS A 336 6.43 1.76 -10.42
C LYS A 336 6.63 0.67 -11.45
N LEU A 337 5.94 0.76 -12.61
CA LEU A 337 6.06 -0.27 -13.64
C LEU A 337 7.46 -0.26 -14.30
N ALA A 338 8.10 0.92 -14.46
CA ALA A 338 9.45 1.00 -15.02
C ALA A 338 10.47 0.30 -14.09
N SER A 339 10.23 0.36 -12.77
CA SER A 339 11.09 -0.26 -11.75
C SER A 339 10.90 -1.77 -11.74
N ARG A 340 9.64 -2.23 -11.60
CA ARG A 340 9.23 -3.64 -11.59
C ARG A 340 9.51 -4.34 -12.91
N LYS A 341 8.97 -3.81 -14.01
CA LYS A 341 9.03 -4.46 -15.31
C LYS A 341 10.31 -4.18 -16.10
N LEU A 342 10.84 -2.94 -16.09
CA LEU A 342 12.04 -2.59 -16.90
C LEU A 342 13.36 -2.49 -16.10
N ARG A 343 13.27 -2.44 -14.77
CA ARG A 343 14.41 -2.34 -13.84
C ARG A 343 15.15 -0.99 -13.99
N ILE A 344 14.40 0.10 -14.31
CA ILE A 344 14.88 1.48 -14.37
C ILE A 344 14.34 2.18 -13.09
N ASN A 345 15.24 2.79 -12.26
CA ASN A 345 14.81 3.46 -11.01
C ASN A 345 14.08 4.80 -11.32
N ALA A 346 13.05 5.14 -10.54
CA ALA A 346 12.19 6.32 -10.68
C ALA A 346 12.94 7.63 -11.04
N LYS A 347 14.15 7.86 -10.49
CA LYS A 347 14.93 9.07 -10.79
C LYS A 347 15.33 9.11 -12.26
N GLU A 348 15.75 7.96 -12.80
CA GLU A 348 16.16 7.77 -14.20
C GLU A 348 14.95 7.78 -15.15
N THR A 349 13.84 7.13 -14.75
CA THR A 349 12.58 7.07 -15.50
C THR A 349 12.11 8.48 -15.79
N MET A 350 12.11 9.36 -14.76
CA MET A 350 11.66 10.75 -14.87
C MET A 350 12.61 11.59 -15.69
N ARG A 351 13.91 11.24 -15.72
CA ARG A 351 14.94 11.94 -16.50
C ARG A 351 14.74 11.65 -17.98
N ILE A 352 14.58 10.34 -18.34
CA ILE A 352 14.36 9.83 -19.69
C ILE A 352 13.01 10.36 -20.17
N ALA A 353 11.94 10.21 -19.32
CA ALA A 353 10.59 10.68 -19.62
C ALA A 353 10.55 12.17 -19.94
N GLU A 354 11.38 12.99 -19.24
CA GLU A 354 11.45 14.42 -19.52
C GLU A 354 12.20 14.68 -20.81
N LYS A 355 13.23 13.84 -21.11
CA LYS A 355 14.00 13.97 -22.36
C LYS A 355 13.10 13.66 -23.56
N LEU A 356 12.26 12.59 -23.46
CA LEU A 356 11.34 12.18 -24.54
C LEU A 356 10.24 13.20 -24.72
N TYR A 357 9.83 13.87 -23.63
CA TYR A 357 8.82 14.92 -23.67
C TYR A 357 9.37 16.14 -24.43
N THR A 358 10.60 16.60 -24.06
CA THR A 358 11.33 17.77 -24.60
C THR A 358 11.58 17.57 -26.07
N GLN A 359 11.88 16.31 -26.50
CA GLN A 359 12.13 15.91 -27.90
C GLN A 359 10.82 15.70 -28.71
N GLY A 360 9.66 15.79 -28.04
CA GLY A 360 8.34 15.70 -28.65
C GLY A 360 7.71 14.33 -28.88
N TYR A 361 8.27 13.27 -28.26
CA TYR A 361 7.81 11.88 -28.42
C TYR A 361 6.73 11.44 -27.45
N ILE A 362 6.67 12.01 -26.24
CA ILE A 362 5.62 11.69 -25.24
C ILE A 362 5.01 13.00 -24.67
N SER A 363 3.81 12.92 -24.07
CA SER A 363 3.15 14.07 -23.42
C SER A 363 3.82 14.33 -22.05
N TYR A 364 3.57 15.50 -21.38
CA TYR A 364 4.19 15.86 -20.10
C TYR A 364 4.09 14.71 -19.08
N PRO A 365 5.27 14.15 -18.67
CA PRO A 365 5.28 12.98 -17.78
C PRO A 365 5.08 13.24 -16.27
N ARG A 366 4.71 14.46 -15.88
CA ARG A 366 4.41 14.79 -14.49
C ARG A 366 2.92 15.16 -14.41
N THR A 367 2.05 14.13 -14.17
CA THR A 367 0.59 14.27 -14.10
C THR A 367 -0.02 13.18 -13.21
N GLU A 368 -1.18 13.50 -12.63
CA GLU A 368 -1.97 12.59 -11.80
C GLU A 368 -3.14 12.04 -12.63
N THR A 369 -3.31 12.53 -13.87
CA THR A 369 -4.42 12.16 -14.77
C THR A 369 -4.29 10.75 -15.34
N ASN A 370 -5.39 9.98 -15.18
CA ASN A 370 -5.56 8.63 -15.72
C ASN A 370 -6.89 8.55 -16.50
N ILE A 371 -7.44 9.72 -16.88
CA ILE A 371 -8.65 9.87 -17.70
C ILE A 371 -8.26 10.61 -18.98
N PHE A 372 -8.55 10.00 -20.14
CA PHE A 372 -8.31 10.62 -21.43
C PHE A 372 -9.36 11.67 -21.67
N PRO A 373 -8.96 12.96 -21.86
CA PRO A 373 -9.97 14.01 -22.14
C PRO A 373 -10.68 13.77 -23.46
N ARG A 374 -11.95 14.20 -23.57
CA ARG A 374 -12.80 14.00 -24.74
C ARG A 374 -12.22 14.71 -25.98
N ASP A 375 -11.52 15.84 -25.76
CA ASP A 375 -10.89 16.67 -26.77
C ASP A 375 -9.81 15.90 -27.56
N LEU A 376 -8.99 15.10 -26.85
CA LEU A 376 -7.86 14.31 -27.38
C LEU A 376 -8.29 13.21 -28.39
N ASN A 377 -7.70 13.27 -29.62
CA ASN A 377 -7.95 12.35 -30.73
C ASN A 377 -7.08 11.12 -30.58
N LEU A 378 -7.65 10.06 -29.99
CA LEU A 378 -6.87 8.83 -29.76
C LEU A 378 -6.67 8.05 -31.05
N THR A 379 -7.63 8.17 -31.99
CA THR A 379 -7.59 7.49 -33.28
C THR A 379 -6.30 7.86 -34.06
N VAL A 380 -5.88 9.15 -34.02
CA VAL A 380 -4.68 9.64 -34.70
C VAL A 380 -3.43 9.10 -34.01
N LEU A 381 -3.41 9.13 -32.66
CA LEU A 381 -2.28 8.65 -31.84
C LEU A 381 -1.98 7.18 -32.08
N VAL A 382 -3.05 6.37 -32.31
CA VAL A 382 -2.98 4.95 -32.65
C VAL A 382 -2.47 4.82 -34.08
N GLU A 383 -3.11 5.53 -35.06
CA GLU A 383 -2.69 5.53 -36.47
C GLU A 383 -1.21 5.79 -36.63
N GLN A 384 -0.69 6.73 -35.82
CA GLN A 384 0.70 7.19 -35.83
C GLN A 384 1.70 6.08 -35.51
N GLN A 385 1.25 5.05 -34.78
CA GLN A 385 2.08 3.93 -34.31
C GLN A 385 2.03 2.70 -35.22
N THR A 386 1.24 2.76 -36.32
CA THR A 386 1.12 1.66 -37.27
C THR A 386 2.42 1.45 -38.08
N PRO A 387 3.35 2.44 -38.31
CA PRO A 387 4.58 2.11 -39.06
C PRO A 387 5.55 1.19 -38.30
N ASP A 388 5.32 0.90 -37.02
CA ASP A 388 6.27 0.08 -36.29
C ASP A 388 6.22 -1.45 -36.64
N PRO A 389 7.42 -2.07 -36.83
CA PRO A 389 7.45 -3.52 -37.11
C PRO A 389 6.90 -4.40 -35.98
N ARG A 390 7.17 -4.03 -34.71
CA ARG A 390 6.75 -4.77 -33.54
C ARG A 390 5.27 -4.57 -33.18
N TRP A 391 4.85 -3.33 -32.87
CA TRP A 391 3.48 -3.06 -32.42
C TRP A 391 2.57 -2.46 -33.50
N GLY A 392 3.08 -2.23 -34.71
CA GLY A 392 2.32 -1.63 -35.81
C GLY A 392 1.06 -2.37 -36.20
N ALA A 393 1.18 -3.70 -36.34
CA ALA A 393 0.07 -4.57 -36.70
C ALA A 393 -1.04 -4.54 -35.64
N PHE A 394 -0.65 -4.45 -34.35
CA PHE A 394 -1.61 -4.38 -33.26
C PHE A 394 -2.35 -3.04 -33.29
N ALA A 395 -1.62 -1.92 -33.51
CA ALA A 395 -2.20 -0.59 -33.60
C ALA A 395 -3.25 -0.55 -34.73
N GLN A 396 -2.93 -1.18 -35.89
CA GLN A 396 -3.84 -1.30 -37.00
C GLN A 396 -5.06 -2.09 -36.57
N SER A 397 -4.85 -3.15 -35.77
CA SER A 397 -5.92 -4.03 -35.29
C SER A 397 -7.00 -3.24 -34.47
N ILE A 398 -6.58 -2.25 -33.65
CA ILE A 398 -7.49 -1.41 -32.87
C ILE A 398 -8.41 -0.64 -33.82
N LEU A 399 -7.82 -0.02 -34.85
CA LEU A 399 -8.53 0.76 -35.88
C LEU A 399 -9.51 -0.12 -36.67
N GLU A 400 -9.09 -1.34 -37.05
CA GLU A 400 -9.89 -2.33 -37.76
C GLU A 400 -11.10 -2.77 -36.93
N ARG A 401 -10.94 -2.80 -35.59
CA ARG A 401 -11.99 -3.20 -34.66
C ARG A 401 -12.81 -2.00 -34.13
N GLY A 402 -13.04 -1.01 -34.99
CA GLY A 402 -13.83 0.16 -34.63
C GLY A 402 -13.09 1.39 -34.18
N GLY A 403 -12.00 1.20 -33.43
CA GLY A 403 -11.20 2.32 -32.93
C GLY A 403 -10.79 2.20 -31.49
N PRO A 404 -10.12 3.25 -30.93
CA PRO A 404 -9.63 3.14 -29.54
C PRO A 404 -10.73 3.21 -28.51
N THR A 405 -10.68 2.27 -27.55
CA THR A 405 -11.62 2.13 -26.45
C THR A 405 -10.77 2.18 -25.13
N PRO A 406 -10.36 3.38 -24.68
CA PRO A 406 -9.46 3.44 -23.51
C PRO A 406 -10.10 3.02 -22.19
N ARG A 407 -9.26 2.46 -21.27
CA ARG A 407 -9.66 2.12 -19.90
C ARG A 407 -9.21 3.28 -19.03
N ASN A 408 -10.15 4.16 -18.70
CA ASN A 408 -9.85 5.34 -17.90
C ASN A 408 -10.01 5.06 -16.41
N GLY A 409 -9.32 5.86 -15.61
CA GLY A 409 -9.41 5.80 -14.15
C GLY A 409 -10.42 6.81 -13.65
N ASN A 410 -10.12 7.38 -12.48
CA ASN A 410 -10.99 8.30 -11.75
C ASN A 410 -10.32 9.66 -11.43
N LYS A 411 -9.03 9.85 -11.79
CA LYS A 411 -8.30 11.10 -11.51
C LYS A 411 -8.05 11.95 -12.76
N SER A 412 -8.11 13.26 -12.58
CA SER A 412 -7.81 14.27 -13.60
C SER A 412 -7.33 15.52 -12.90
N ASP A 413 -6.11 15.98 -13.25
CA ASP A 413 -5.56 17.21 -12.69
C ASP A 413 -6.16 18.44 -13.40
N GLN A 414 -6.93 18.21 -14.52
CA GLN A 414 -7.57 19.20 -15.39
C GLN A 414 -6.51 20.06 -16.10
N ALA A 415 -5.25 19.57 -16.19
CA ALA A 415 -4.13 20.28 -16.83
C ALA A 415 -3.49 19.46 -17.95
N HIS A 416 -3.15 18.19 -17.65
CA HIS A 416 -2.49 17.28 -18.59
C HIS A 416 -3.27 16.00 -18.88
N PRO A 417 -3.06 15.33 -20.04
CA PRO A 417 -3.74 14.05 -20.27
C PRO A 417 -2.89 12.91 -19.70
N PRO A 418 -3.33 11.62 -19.71
CA PRO A 418 -2.42 10.56 -19.25
C PRO A 418 -1.15 10.52 -20.11
N ILE A 419 -0.01 10.05 -19.56
CA ILE A 419 1.24 9.97 -20.33
C ILE A 419 1.01 9.04 -21.53
N HIS A 420 1.24 9.55 -22.77
CA HIS A 420 1.00 8.79 -23.99
C HIS A 420 2.02 9.16 -25.11
N PRO A 421 2.22 8.31 -26.17
CA PRO A 421 3.11 8.73 -27.27
C PRO A 421 2.45 9.79 -28.15
N THR A 422 3.15 10.90 -28.36
CA THR A 422 2.64 12.03 -29.14
C THR A 422 3.15 12.00 -30.61
N LYS A 423 4.28 11.31 -30.85
CA LYS A 423 4.90 11.20 -32.17
C LYS A 423 5.61 9.84 -32.28
N TYR A 424 5.65 9.25 -33.47
CA TYR A 424 6.34 7.98 -33.66
C TYR A 424 7.81 8.20 -33.98
N THR A 425 8.68 7.39 -33.35
CA THR A 425 10.12 7.39 -33.61
C THR A 425 10.67 5.96 -33.51
N ASN A 426 11.62 5.63 -34.39
CA ASN A 426 12.28 4.33 -34.40
C ASN A 426 13.79 4.55 -34.16
N ASN A 427 14.19 5.80 -33.93
CA ASN A 427 15.57 6.25 -33.80
C ASN A 427 16.09 6.28 -32.34
N LEU A 428 15.30 5.77 -31.38
CA LEU A 428 15.76 5.76 -30.00
C LEU A 428 16.63 4.53 -29.70
N GLN A 429 17.51 4.66 -28.69
CA GLN A 429 18.42 3.61 -28.24
C GLN A 429 18.49 3.55 -26.73
N GLY A 430 19.01 2.43 -26.24
CA GLY A 430 19.20 2.19 -24.82
C GLY A 430 17.92 2.22 -24.02
N ASP A 431 18.00 2.81 -22.83
CA ASP A 431 16.87 2.90 -21.91
C ASP A 431 15.80 3.85 -22.45
N GLU A 432 16.21 4.87 -23.25
CA GLU A 432 15.31 5.83 -23.89
C GLU A 432 14.30 5.09 -24.77
N GLN A 433 14.79 4.10 -25.54
CA GLN A 433 13.96 3.23 -26.38
C GLN A 433 13.08 2.34 -25.53
N ARG A 434 13.63 1.75 -24.46
CA ARG A 434 12.90 0.83 -23.58
C ARG A 434 11.68 1.47 -22.94
N LEU A 435 11.80 2.74 -22.48
CA LEU A 435 10.73 3.48 -21.80
C LEU A 435 9.70 3.99 -22.81
N TYR A 436 10.17 4.41 -24.01
CA TYR A 436 9.28 4.87 -25.06
C TYR A 436 8.43 3.69 -25.50
N GLU A 437 9.08 2.54 -25.79
CA GLU A 437 8.42 1.29 -26.18
C GLU A 437 7.37 0.91 -25.13
N PHE A 438 7.71 1.05 -23.82
CA PHE A 438 6.79 0.75 -22.72
C PHE A 438 5.55 1.66 -22.76
N ILE A 439 5.77 2.99 -22.91
CA ILE A 439 4.71 4.01 -22.94
C ILE A 439 3.79 3.76 -24.14
N VAL A 440 4.37 3.40 -25.32
CA VAL A 440 3.58 3.11 -26.53
C VAL A 440 2.71 1.85 -26.32
N ARG A 441 3.33 0.73 -25.83
CA ARG A 441 2.67 -0.56 -25.64
C ARG A 441 1.57 -0.45 -24.64
N HIS A 442 1.78 0.29 -23.53
CA HIS A 442 0.78 0.53 -22.47
C HIS A 442 -0.43 1.30 -23.02
N PHE A 443 -0.15 2.34 -23.84
CA PHE A 443 -1.14 3.19 -24.49
C PHE A 443 -2.02 2.35 -25.41
N LEU A 444 -1.38 1.53 -26.27
CA LEU A 444 -2.10 0.68 -27.22
C LEU A 444 -2.91 -0.39 -26.47
N ALA A 445 -2.34 -0.96 -25.37
CA ALA A 445 -2.99 -1.99 -24.56
C ALA A 445 -4.22 -1.43 -23.90
N CYS A 446 -4.09 -0.20 -23.38
CA CYS A 446 -5.16 0.56 -22.74
C CYS A 446 -6.30 0.81 -23.71
N CYS A 447 -5.97 1.20 -24.96
CA CYS A 447 -6.94 1.50 -26.03
C CYS A 447 -7.54 0.25 -26.67
N SER A 448 -7.06 -0.94 -26.28
CA SER A 448 -7.46 -2.24 -26.79
C SER A 448 -8.60 -2.85 -25.93
N GLN A 449 -8.84 -4.16 -26.05
CA GLN A 449 -9.84 -4.93 -25.33
C GLN A 449 -9.18 -5.79 -24.25
N ASP A 450 -9.98 -6.18 -23.26
CA ASP A 450 -9.58 -7.07 -22.18
C ASP A 450 -9.45 -8.49 -22.71
N ALA A 451 -8.49 -9.28 -22.18
CA ALA A 451 -8.29 -10.68 -22.59
C ALA A 451 -9.48 -11.49 -22.10
N GLN A 452 -10.03 -12.35 -22.95
CA GLN A 452 -11.21 -13.13 -22.59
C GLN A 452 -10.89 -14.61 -22.56
N GLY A 453 -11.21 -15.26 -21.45
CA GLY A 453 -10.99 -16.68 -21.25
C GLY A 453 -12.20 -17.42 -20.70
N GLN A 454 -11.99 -18.69 -20.35
CA GLN A 454 -13.01 -19.58 -19.79
C GLN A 454 -12.42 -20.28 -18.56
N GLU A 455 -13.01 -20.01 -17.40
CA GLU A 455 -12.59 -20.58 -16.13
C GLU A 455 -13.39 -21.82 -15.82
N THR A 456 -12.72 -22.91 -15.44
CA THR A 456 -13.39 -24.17 -15.11
C THR A 456 -12.89 -24.68 -13.76
N THR A 457 -13.77 -25.37 -13.01
CA THR A 457 -13.47 -25.87 -11.68
C THR A 457 -14.13 -27.23 -11.49
N VAL A 458 -13.36 -28.19 -10.94
CA VAL A 458 -13.80 -29.57 -10.67
C VAL A 458 -13.65 -29.89 -9.16
N GLU A 459 -14.79 -30.04 -8.46
CA GLU A 459 -14.86 -30.36 -7.03
C GLU A 459 -15.01 -31.87 -6.85
N ILE A 460 -14.10 -32.48 -6.07
CA ILE A 460 -14.10 -33.91 -5.78
C ILE A 460 -14.26 -34.16 -4.28
N ASP A 461 -14.95 -35.25 -3.92
CA ASP A 461 -15.14 -35.64 -2.54
C ASP A 461 -14.37 -36.93 -2.26
N ILE A 462 -13.51 -36.90 -1.23
CA ILE A 462 -12.75 -38.06 -0.76
C ILE A 462 -13.01 -38.18 0.74
N ALA A 463 -13.85 -39.15 1.14
CA ALA A 463 -14.21 -39.40 2.54
C ALA A 463 -14.83 -38.16 3.22
N GLN A 464 -15.77 -37.49 2.51
CA GLN A 464 -16.51 -36.27 2.93
C GLN A 464 -15.62 -34.99 2.89
N GLU A 465 -14.35 -35.13 2.44
CA GLU A 465 -13.40 -34.01 2.30
C GLU A 465 -13.41 -33.52 0.87
N ARG A 466 -13.56 -32.21 0.68
CA ARG A 466 -13.65 -31.63 -0.65
C ARG A 466 -12.33 -30.99 -1.12
N PHE A 467 -11.93 -31.33 -2.36
CA PHE A 467 -10.73 -30.87 -3.06
C PHE A 467 -11.17 -30.25 -4.39
N VAL A 468 -10.45 -29.22 -4.89
CA VAL A 468 -10.82 -28.51 -6.13
C VAL A 468 -9.62 -28.29 -7.10
N ALA A 469 -9.80 -28.68 -8.37
CA ALA A 469 -8.84 -28.42 -9.45
C ALA A 469 -9.40 -27.33 -10.35
N HIS A 470 -8.55 -26.40 -10.78
CA HIS A 470 -8.95 -25.26 -11.61
C HIS A 470 -8.34 -25.35 -12.99
N GLY A 471 -9.08 -24.84 -13.97
CA GLY A 471 -8.66 -24.78 -15.36
C GLY A 471 -8.93 -23.45 -16.03
N LEU A 472 -8.04 -23.06 -16.97
CA LEU A 472 -8.18 -21.83 -17.74
C LEU A 472 -7.88 -22.04 -19.20
N MET A 473 -8.75 -21.50 -20.06
CA MET A 473 -8.58 -21.54 -21.49
C MET A 473 -8.90 -20.16 -22.07
N ILE A 474 -7.84 -19.43 -22.43
CA ILE A 474 -7.87 -18.09 -23.02
C ILE A 474 -8.39 -18.25 -24.45
N LEU A 475 -9.44 -17.48 -24.79
CA LEU A 475 -10.14 -17.52 -26.07
C LEU A 475 -9.68 -16.39 -27.01
N ALA A 476 -9.44 -15.21 -26.44
CA ALA A 476 -8.94 -14.03 -27.14
C ALA A 476 -7.94 -13.31 -26.22
N ARG A 477 -6.65 -13.27 -26.62
CA ARG A 477 -5.59 -12.67 -25.82
C ARG A 477 -5.71 -11.15 -25.78
N ASN A 478 -6.22 -10.55 -26.88
CA ASN A 478 -6.46 -9.11 -27.00
C ASN A 478 -5.26 -8.27 -26.57
N TYR A 479 -5.42 -7.33 -25.60
CA TYR A 479 -4.35 -6.42 -25.15
C TYR A 479 -3.02 -7.12 -24.85
N LEU A 480 -3.05 -8.42 -24.51
CA LEU A 480 -1.85 -9.17 -24.17
C LEU A 480 -0.89 -9.29 -25.34
N ASP A 481 -1.39 -9.23 -26.57
CA ASP A 481 -0.59 -9.31 -27.77
C ASP A 481 0.34 -8.10 -27.96
N VAL A 482 0.07 -6.98 -27.26
CA VAL A 482 0.94 -5.80 -27.38
C VAL A 482 1.64 -5.51 -26.04
N TYR A 483 1.10 -6.06 -24.93
CA TYR A 483 1.62 -5.80 -23.59
C TYR A 483 2.28 -7.06 -22.96
N PRO A 484 3.57 -7.35 -23.28
CA PRO A 484 4.18 -8.56 -22.74
C PRO A 484 4.53 -8.48 -21.25
N TYR A 485 4.42 -7.29 -20.66
CA TYR A 485 4.72 -7.00 -19.26
C TYR A 485 3.71 -7.69 -18.33
N ASP A 486 2.54 -8.13 -18.86
CA ASP A 486 1.52 -8.89 -18.15
C ASP A 486 1.49 -10.31 -18.68
N HIS A 487 1.19 -11.30 -17.82
CA HIS A 487 1.16 -12.70 -18.22
C HIS A 487 -0.15 -13.39 -17.90
N TRP A 488 -0.69 -14.11 -18.90
CA TRP A 488 -1.84 -14.99 -18.76
C TRP A 488 -1.55 -16.26 -19.53
N SER A 489 -1.70 -17.42 -18.86
CA SER A 489 -1.39 -18.73 -19.45
C SER A 489 -2.49 -19.73 -19.24
N ASP A 490 -2.75 -20.52 -20.30
CA ASP A 490 -3.72 -21.60 -20.34
C ASP A 490 -3.34 -22.68 -19.34
N LYS A 491 -4.32 -23.17 -18.55
CA LYS A 491 -4.15 -24.29 -17.63
C LYS A 491 -5.28 -25.26 -17.97
N ILE A 492 -5.06 -26.03 -19.03
CA ILE A 492 -6.06 -26.94 -19.57
C ILE A 492 -6.20 -28.22 -18.70
N LEU A 493 -7.43 -28.44 -18.20
CA LEU A 493 -7.78 -29.60 -17.39
C LEU A 493 -8.41 -30.69 -18.23
N PRO A 494 -8.15 -31.99 -17.91
CA PRO A 494 -8.81 -33.08 -18.62
C PRO A 494 -10.32 -33.12 -18.32
N VAL A 495 -11.07 -33.88 -19.11
CA VAL A 495 -12.52 -33.97 -18.97
C VAL A 495 -12.92 -34.89 -17.76
N TYR A 496 -13.74 -34.31 -16.86
CA TYR A 496 -14.30 -34.94 -15.65
C TYR A 496 -15.84 -34.82 -15.71
N GLU A 497 -16.54 -35.97 -15.72
CA GLU A 497 -18.02 -35.97 -15.79
C GLU A 497 -18.62 -35.87 -14.38
N GLN A 498 -19.66 -35.04 -14.19
CA GLN A 498 -20.33 -34.86 -12.89
C GLN A 498 -21.00 -36.17 -12.47
N GLY A 499 -20.40 -36.85 -11.49
CA GLY A 499 -20.87 -38.13 -10.99
C GLY A 499 -19.83 -39.23 -11.06
N SER A 500 -18.74 -39.00 -11.82
CA SER A 500 -17.61 -39.93 -12.03
C SER A 500 -16.96 -40.34 -10.71
N HIS A 501 -16.31 -41.51 -10.71
CA HIS A 501 -15.56 -42.03 -9.57
C HIS A 501 -14.17 -42.39 -10.06
N PHE A 502 -13.11 -42.03 -9.30
CA PHE A 502 -11.75 -42.38 -9.70
C PHE A 502 -10.81 -42.54 -8.50
N GLN A 503 -9.68 -43.23 -8.74
CA GLN A 503 -8.61 -43.44 -7.76
C GLN A 503 -7.55 -42.34 -7.94
N PRO A 504 -7.26 -41.52 -6.89
CA PRO A 504 -6.23 -40.47 -7.05
C PRO A 504 -4.84 -41.08 -7.10
N SER A 505 -3.92 -40.47 -7.86
CA SER A 505 -2.54 -40.92 -7.99
C SER A 505 -1.86 -40.97 -6.60
N THR A 506 -1.86 -39.81 -5.88
CA THR A 506 -1.29 -39.70 -4.54
C THR A 506 -2.21 -38.90 -3.61
N VAL A 507 -2.22 -39.28 -2.32
CA VAL A 507 -2.93 -38.61 -1.24
C VAL A 507 -1.85 -38.40 -0.18
N GLU A 508 -1.38 -37.16 -0.05
CA GLU A 508 -0.28 -36.80 0.83
C GLU A 508 -0.69 -35.88 1.97
N MET A 509 0.17 -35.78 3.01
CA MET A 509 0.03 -34.85 4.13
C MET A 509 1.34 -34.08 4.23
N VAL A 510 1.45 -33.05 3.36
CA VAL A 510 2.63 -32.19 3.20
C VAL A 510 2.64 -31.04 4.22
N ASP A 511 3.85 -30.54 4.51
CA ASP A 511 4.07 -29.47 5.47
C ASP A 511 4.47 -28.17 4.78
N GLY A 512 4.04 -27.06 5.38
CA GLY A 512 4.33 -25.70 4.93
C GLY A 512 4.66 -24.78 6.10
N GLU A 513 5.04 -23.55 5.79
CA GLU A 513 5.39 -22.56 6.81
C GLU A 513 4.94 -21.19 6.35
N THR A 514 4.49 -20.33 7.29
CA THR A 514 4.08 -18.97 6.93
C THR A 514 5.34 -18.15 6.64
N SER A 515 5.26 -17.28 5.62
CA SER A 515 6.39 -16.45 5.21
C SER A 515 6.24 -15.00 5.69
N PRO A 516 7.34 -14.34 6.15
CA PRO A 516 7.25 -12.93 6.55
C PRO A 516 7.16 -12.00 5.33
N PRO A 517 6.90 -10.69 5.55
CA PRO A 517 6.95 -9.77 4.43
C PRO A 517 8.38 -9.62 3.90
N LYS A 518 8.55 -8.98 2.74
CA LYS A 518 9.88 -8.78 2.20
C LYS A 518 10.26 -7.32 2.42
N LEU A 519 11.59 -7.00 2.35
CA LEU A 519 12.00 -5.59 2.45
C LEU A 519 11.39 -4.81 1.26
N LEU A 520 11.15 -3.51 1.44
CA LEU A 520 10.52 -2.75 0.38
C LEU A 520 11.37 -2.58 -0.87
N THR A 521 10.76 -2.70 -2.07
CA THR A 521 11.39 -2.34 -3.34
C THR A 521 11.06 -0.84 -3.53
N GLU A 522 11.61 -0.18 -4.56
CA GLU A 522 11.30 1.23 -4.80
C GLU A 522 9.80 1.38 -5.14
N ALA A 523 9.24 0.44 -5.96
CA ALA A 523 7.83 0.47 -6.34
C ALA A 523 6.94 0.24 -5.13
N ASP A 524 7.41 -0.60 -4.18
CA ASP A 524 6.71 -0.92 -2.93
C ASP A 524 6.70 0.33 -2.06
N LEU A 525 7.85 1.08 -2.02
CA LEU A 525 8.02 2.29 -1.20
C LEU A 525 7.16 3.42 -1.79
N ILE A 526 7.15 3.58 -3.14
CA ILE A 526 6.33 4.60 -3.83
C ILE A 526 4.84 4.33 -3.51
N ALA A 527 4.41 3.04 -3.55
CA ALA A 527 3.05 2.60 -3.25
C ALA A 527 2.62 3.04 -1.87
N LEU A 528 3.50 2.87 -0.85
CA LEU A 528 3.25 3.28 0.53
C LEU A 528 3.16 4.79 0.66
N MET A 529 4.09 5.52 -0.01
CA MET A 529 4.10 6.98 -0.04
C MET A 529 2.79 7.51 -0.64
N GLU A 530 2.33 6.89 -1.75
CA GLU A 530 1.11 7.25 -2.45
C GLU A 530 -0.08 7.06 -1.52
N LYS A 531 -0.16 5.87 -0.88
CA LYS A 531 -1.22 5.44 0.05
C LYS A 531 -1.44 6.44 1.17
N HIS A 532 -0.33 7.02 1.67
CA HIS A 532 -0.33 7.92 2.83
C HIS A 532 -0.28 9.43 2.45
N GLY A 533 -0.31 9.73 1.16
CA GLY A 533 -0.37 11.09 0.65
C GLY A 533 0.84 11.96 0.81
N ILE A 534 2.05 11.37 0.77
CA ILE A 534 3.31 12.12 0.83
C ILE A 534 4.03 11.89 -0.50
N GLY A 535 4.90 12.82 -0.88
CA GLY A 535 5.57 12.75 -2.17
C GLY A 535 4.68 13.17 -3.35
N THR A 536 3.49 13.79 -3.08
CA THR A 536 2.52 14.23 -4.09
C THR A 536 3.16 15.30 -5.00
N ASP A 537 2.62 15.44 -6.23
CA ASP A 537 3.10 16.34 -7.29
C ASP A 537 4.39 15.73 -7.89
N ALA A 538 4.41 14.38 -8.02
CA ALA A 538 5.49 13.58 -8.60
C ALA A 538 6.85 13.93 -8.01
N THR A 539 6.98 13.79 -6.68
CA THR A 539 8.20 14.14 -5.96
C THR A 539 8.74 12.93 -5.16
N HIS A 540 8.12 11.73 -5.37
CA HIS A 540 8.45 10.46 -4.72
C HIS A 540 9.93 10.17 -4.84
N ALA A 541 10.45 10.17 -6.08
CA ALA A 541 11.82 9.83 -6.43
C ALA A 541 12.86 10.69 -5.71
N GLU A 542 12.63 12.00 -5.62
CA GLU A 542 13.50 13.02 -5.01
C GLU A 542 13.84 12.68 -3.54
N HIS A 543 12.82 12.25 -2.78
CA HIS A 543 12.87 11.91 -1.36
C HIS A 543 13.45 10.51 -1.13
N ILE A 544 13.21 9.56 -2.07
CA ILE A 544 13.77 8.20 -2.02
C ILE A 544 15.28 8.33 -2.29
N GLU A 545 15.63 9.27 -3.20
CA GLU A 545 17.01 9.49 -3.58
C GLU A 545 17.80 10.11 -2.45
N THR A 546 17.16 11.03 -1.67
CA THR A 546 17.77 11.75 -0.53
C THR A 546 18.15 10.79 0.60
N ILE A 547 17.25 9.86 0.99
CA ILE A 547 17.51 8.85 2.04
C ILE A 547 18.55 7.81 1.55
N LYS A 548 18.67 7.60 0.21
CA LYS A 548 19.69 6.71 -0.38
C LYS A 548 21.06 7.38 -0.22
N ALA A 549 21.18 8.66 -0.69
CA ALA A 549 22.36 9.51 -0.72
C ALA A 549 22.94 9.82 0.66
N ARG A 550 22.06 10.02 1.68
CA ARG A 550 22.46 10.35 3.05
C ARG A 550 22.88 9.10 3.80
N MET A 551 22.83 7.91 3.13
CA MET A 551 23.22 6.58 3.66
C MET A 551 22.35 6.12 4.83
N TYR A 552 21.08 6.59 4.88
CA TYR A 552 20.10 6.18 5.89
C TYR A 552 19.56 4.80 5.51
N VAL A 553 19.45 4.54 4.20
CA VAL A 553 19.02 3.28 3.61
C VAL A 553 20.08 2.83 2.61
N GLY A 554 20.09 1.53 2.40
CA GLY A 554 21.00 0.85 1.47
C GLY A 554 20.22 -0.18 0.68
N LEU A 555 20.69 -0.47 -0.53
CA LEU A 555 19.99 -1.43 -1.36
C LEU A 555 20.65 -2.79 -1.29
N THR A 556 19.84 -3.83 -1.05
CA THR A 556 20.27 -5.22 -0.98
C THR A 556 20.50 -5.71 -2.42
N PRO A 557 21.08 -6.93 -2.68
CA PRO A 557 21.23 -7.37 -4.07
C PRO A 557 19.88 -7.63 -4.78
N ASP A 558 18.80 -7.77 -4.00
CA ASP A 558 17.46 -8.20 -4.37
C ASP A 558 16.61 -7.28 -5.31
N LYS A 559 16.64 -5.92 -5.38
CA LYS A 559 17.35 -4.83 -4.73
C LYS A 559 16.32 -4.09 -3.87
N ARG A 560 16.27 -4.43 -2.58
CA ARG A 560 15.30 -3.90 -1.62
C ARG A 560 15.98 -2.96 -0.63
N PHE A 561 15.19 -2.15 0.10
CA PHE A 561 15.71 -1.16 1.04
C PHE A 561 15.93 -1.71 2.42
N LEU A 562 17.18 -1.65 2.84
CA LEU A 562 17.62 -2.05 4.15
C LEU A 562 18.09 -0.81 4.94
N PRO A 563 17.54 -0.54 6.15
CA PRO A 563 17.95 0.68 6.86
C PRO A 563 19.33 0.52 7.50
N GLY A 564 20.09 1.61 7.50
CA GLY A 564 21.43 1.66 8.11
C GLY A 564 21.28 1.87 9.60
N HIS A 565 22.39 1.81 10.37
CA HIS A 565 22.30 2.02 11.81
C HIS A 565 21.90 3.46 12.17
N LEU A 566 22.36 4.46 11.39
CA LEU A 566 22.01 5.86 11.66
C LEU A 566 20.53 6.07 11.31
N GLY A 567 20.11 5.54 10.16
CA GLY A 567 18.72 5.63 9.72
C GLY A 567 17.77 5.01 10.73
N MET A 568 18.11 3.80 11.18
CA MET A 568 17.38 3.02 12.17
C MET A 568 17.29 3.75 13.51
N GLY A 569 18.45 4.16 14.04
CA GLY A 569 18.59 4.87 15.30
C GLY A 569 17.81 6.16 15.38
N LEU A 570 17.79 6.94 14.30
CA LEU A 570 17.05 8.21 14.26
C LEU A 570 15.52 7.98 14.37
N VAL A 571 14.97 7.01 13.57
CA VAL A 571 13.56 6.67 13.53
C VAL A 571 13.12 6.12 14.91
N GLU A 572 13.86 5.17 15.50
CA GLU A 572 13.46 4.64 16.80
C GLU A 572 13.80 5.63 17.95
N GLY A 573 14.63 6.64 17.69
CA GLY A 573 14.98 7.67 18.66
C GLY A 573 13.86 8.68 18.82
N TYR A 574 13.35 9.19 17.68
CA TYR A 574 12.24 10.14 17.66
C TYR A 574 10.92 9.48 18.06
N ASP A 575 10.70 8.22 17.60
CA ASP A 575 9.49 7.48 17.91
C ASP A 575 9.37 7.12 19.41
N SER A 576 10.52 7.04 20.13
CA SER A 576 10.58 6.72 21.56
C SER A 576 10.26 7.95 22.40
N MET A 577 10.23 9.15 21.77
CA MET A 577 9.94 10.42 22.44
C MET A 577 8.44 10.60 22.73
N GLY A 578 7.63 9.63 22.32
CA GLY A 578 6.20 9.63 22.56
C GLY A 578 5.41 9.86 21.29
N TYR A 579 5.45 11.12 20.79
CA TYR A 579 4.80 11.54 19.55
C TYR A 579 5.36 10.73 18.37
N GLU A 580 4.44 10.13 17.59
CA GLU A 580 4.78 9.24 16.49
C GLU A 580 5.27 10.02 15.27
N MET A 581 6.54 10.47 15.33
CA MET A 581 7.16 11.32 14.31
C MET A 581 7.48 10.62 12.98
N SER A 582 7.75 9.30 12.97
CA SER A 582 8.06 8.58 11.72
C SER A 582 6.80 8.41 10.83
N LYS A 583 5.61 8.65 11.41
CA LYS A 583 4.30 8.57 10.72
C LYS A 583 4.20 9.70 9.67
N PRO A 584 3.57 9.47 8.51
CA PRO A 584 3.57 10.49 7.47
C PRO A 584 2.44 11.52 7.56
N ASP A 585 1.60 11.39 8.58
CA ASP A 585 0.41 12.20 8.85
C ASP A 585 0.65 13.72 8.84
N LEU A 586 1.73 14.22 9.45
CA LEU A 586 2.06 15.65 9.50
C LEU A 586 2.46 16.22 8.10
N ARG A 587 3.30 15.44 7.34
CA ARG A 587 3.70 15.84 5.99
C ARG A 587 2.52 15.76 5.04
N ALA A 588 1.69 14.72 5.17
CA ALA A 588 0.49 14.55 4.35
C ALA A 588 -0.45 15.75 4.50
N GLU A 589 -0.57 16.30 5.75
CA GLU A 589 -1.35 17.49 6.11
C GLU A 589 -0.76 18.74 5.43
N LEU A 590 0.59 18.85 5.43
CA LEU A 590 1.37 19.93 4.84
C LEU A 590 1.12 19.97 3.33
N GLU A 591 1.30 18.80 2.66
CA GLU A 591 1.12 18.61 1.23
C GLU A 591 -0.34 18.86 0.82
N ALA A 592 -1.30 18.53 1.71
CA ALA A 592 -2.74 18.74 1.51
C ALA A 592 -3.08 20.22 1.44
N ASP A 593 -2.46 21.01 2.37
CA ASP A 593 -2.59 22.47 2.50
C ASP A 593 -2.03 23.15 1.24
N LEU A 594 -0.90 22.64 0.70
CA LEU A 594 -0.29 23.17 -0.52
C LEU A 594 -1.23 23.02 -1.73
N LYS A 595 -1.99 21.91 -1.79
CA LYS A 595 -2.95 21.68 -2.86
C LYS A 595 -4.10 22.66 -2.72
N LEU A 596 -4.42 23.05 -1.47
CA LEU A 596 -5.49 24.01 -1.22
C LEU A 596 -5.09 25.39 -1.70
N ILE A 597 -3.81 25.79 -1.49
CA ILE A 597 -3.27 27.09 -1.93
C ILE A 597 -3.43 27.23 -3.46
N CYS A 598 -3.09 26.14 -4.21
CA CYS A 598 -3.18 26.06 -5.67
C CYS A 598 -4.59 26.31 -6.17
N ASP A 599 -5.58 25.71 -5.48
CA ASP A 599 -6.98 25.80 -5.85
C ASP A 599 -7.62 27.11 -5.34
N GLY A 600 -6.90 27.87 -4.52
CA GLY A 600 -7.39 29.12 -3.94
C GLY A 600 -8.39 28.83 -2.84
N LYS A 601 -8.36 27.59 -2.33
CA LYS A 601 -9.23 27.11 -1.26
C LYS A 601 -8.68 27.48 0.15
N LYS A 602 -7.41 27.94 0.23
CA LYS A 602 -6.71 28.38 1.45
C LYS A 602 -5.63 29.43 1.10
N ASP A 603 -5.36 30.40 2.01
CA ASP A 603 -4.35 31.44 1.75
C ASP A 603 -2.99 30.99 2.26
N LYS A 604 -1.90 31.59 1.76
CA LYS A 604 -0.56 31.16 2.11
C LYS A 604 -0.16 31.55 3.54
N PHE A 605 -0.77 32.60 4.10
CA PHE A 605 -0.43 33.10 5.42
C PHE A 605 -0.91 32.22 6.56
N VAL A 606 -2.11 31.58 6.42
CA VAL A 606 -2.67 30.70 7.44
C VAL A 606 -1.87 29.39 7.43
N VAL A 607 -1.63 28.79 6.23
CA VAL A 607 -0.86 27.55 6.02
C VAL A 607 0.52 27.71 6.69
N LEU A 608 1.25 28.82 6.41
CA LEU A 608 2.57 29.12 6.98
C LEU A 608 2.52 29.23 8.49
N ARG A 609 1.59 30.00 9.04
CA ARG A 609 1.43 30.17 10.48
C ARG A 609 1.10 28.83 11.17
N GLN A 610 0.21 28.04 10.56
CA GLN A 610 -0.23 26.75 11.11
C GLN A 610 0.86 25.67 11.07
N GLN A 611 1.52 25.50 9.89
CA GLN A 611 2.56 24.50 9.70
C GLN A 611 3.80 24.81 10.53
N VAL A 612 4.20 26.09 10.62
CA VAL A 612 5.35 26.54 11.42
C VAL A 612 5.05 26.27 12.90
N GLN A 613 3.84 26.64 13.41
CA GLN A 613 3.46 26.41 14.81
C GLN A 613 3.50 24.92 15.16
N LYS A 614 3.01 24.08 14.22
CA LYS A 614 2.93 22.63 14.35
C LYS A 614 4.33 22.01 14.45
N TYR A 615 5.24 22.40 13.54
CA TYR A 615 6.60 21.86 13.47
C TYR A 615 7.49 22.47 14.53
N LYS A 616 7.23 23.73 14.97
CA LYS A 616 8.01 24.33 16.06
C LYS A 616 7.73 23.58 17.36
N GLN A 617 6.46 23.13 17.54
CA GLN A 617 6.05 22.36 18.71
C GLN A 617 6.77 21.02 18.73
N VAL A 618 6.73 20.28 17.60
CA VAL A 618 7.40 18.98 17.44
C VAL A 618 8.92 19.15 17.72
N PHE A 619 9.53 20.28 17.25
CA PHE A 619 10.93 20.60 17.48
C PHE A 619 11.23 20.80 18.96
N ILE A 620 10.43 21.64 19.64
CA ILE A 620 10.60 21.96 21.06
C ILE A 620 10.50 20.69 21.90
N GLU A 621 9.56 19.78 21.58
CA GLU A 621 9.40 18.50 22.29
C GLU A 621 10.62 17.60 22.08
N ALA A 622 11.19 17.61 20.86
CA ALA A 622 12.35 16.81 20.48
C ALA A 622 13.62 17.32 21.14
N VAL A 623 13.75 18.65 21.32
CA VAL A 623 14.92 19.26 21.98
C VAL A 623 14.90 18.89 23.49
N ALA A 624 13.69 18.90 24.09
CA ALA A 624 13.44 18.54 25.47
C ALA A 624 13.85 17.08 25.75
N LYS A 625 13.49 16.16 24.83
CA LYS A 625 13.77 14.72 24.97
C LYS A 625 14.94 14.30 24.07
N ALA A 626 15.89 15.23 23.77
CA ALA A 626 17.05 15.01 22.88
C ALA A 626 17.88 13.77 23.25
N LYS A 627 17.95 13.41 24.56
CA LYS A 627 18.69 12.25 25.07
C LYS A 627 18.17 10.92 24.52
N LYS A 628 16.91 10.88 24.02
CA LYS A 628 16.29 9.68 23.45
C LYS A 628 17.00 9.28 22.15
N LEU A 629 17.46 10.29 21.37
CA LEU A 629 18.23 10.12 20.12
C LEU A 629 19.59 9.45 20.40
N ASP A 630 20.25 9.89 21.50
CA ASP A 630 21.53 9.37 21.95
C ASP A 630 21.38 7.92 22.33
N GLU A 631 20.34 7.59 23.15
CA GLU A 631 20.02 6.25 23.67
C GLU A 631 19.70 5.25 22.55
N ALA A 632 18.94 5.69 21.52
CA ALA A 632 18.56 4.82 20.41
C ALA A 632 19.74 4.46 19.54
N LEU A 633 20.67 5.43 19.32
CA LEU A 633 21.86 5.25 18.49
C LEU A 633 22.97 4.56 19.26
N ALA A 634 23.00 4.68 20.60
CA ALA A 634 23.98 4.02 21.47
C ALA A 634 23.90 2.51 21.29
N GLN A 635 22.71 1.98 20.95
CA GLN A 635 22.46 0.57 20.68
C GLN A 635 23.36 0.07 19.54
N TYR A 636 23.80 0.99 18.64
CA TYR A 636 24.63 0.71 17.46
C TYR A 636 26.08 1.20 17.55
N PHE A 637 26.31 2.37 18.15
CA PHE A 637 27.65 2.99 18.25
C PHE A 637 28.29 2.91 19.67
N GLY A 638 27.56 2.35 20.63
CA GLY A 638 28.06 2.22 21.99
C GLY A 638 28.06 3.52 22.75
N ASN A 639 28.88 3.61 23.82
CA ASN A 639 28.98 4.80 24.65
C ASN A 639 29.48 6.03 23.86
N GLY A 640 29.19 7.21 24.36
CA GLY A 640 29.63 8.45 23.74
C GLY A 640 29.17 9.70 24.45
N THR A 641 30.13 10.64 24.66
CA THR A 641 29.92 11.96 25.29
C THR A 641 30.92 12.93 24.67
N ASN B 2 -30.59 -32.43 56.39
CA ASN B 2 -31.10 -33.43 55.46
C ASN B 2 -31.81 -32.73 54.28
N VAL B 3 -31.09 -32.67 53.13
CA VAL B 3 -31.55 -32.05 51.88
C VAL B 3 -31.54 -33.12 50.76
N THR B 4 -31.49 -34.41 51.16
CA THR B 4 -31.35 -35.56 50.28
C THR B 4 -32.66 -35.71 49.43
N SER B 5 -33.83 -35.29 49.97
CA SER B 5 -35.11 -35.34 49.25
C SER B 5 -35.13 -34.34 48.08
N ILE B 6 -34.62 -33.12 48.33
CA ILE B 6 -34.52 -32.04 47.35
C ILE B 6 -33.42 -32.41 46.32
N ALA B 7 -32.33 -33.06 46.80
CA ALA B 7 -31.21 -33.50 45.97
C ALA B 7 -31.65 -34.50 44.91
N LEU B 8 -32.45 -35.50 45.26
CA LEU B 8 -32.92 -36.47 44.26
C LEU B 8 -33.75 -35.78 43.16
N ARG B 9 -34.64 -34.84 43.57
CA ARG B 9 -35.53 -34.10 42.67
C ARG B 9 -34.71 -33.23 41.70
N ALA B 10 -33.65 -32.57 42.23
CA ALA B 10 -32.74 -31.72 41.45
C ALA B 10 -31.92 -32.56 40.48
N GLU B 11 -31.44 -33.76 40.95
CA GLU B 11 -30.65 -34.73 40.18
C GLU B 11 -31.47 -35.21 38.98
N THR B 12 -32.76 -35.52 39.23
CA THR B 12 -33.72 -35.97 38.22
C THR B 12 -33.84 -34.91 37.14
N TRP B 13 -34.08 -33.62 37.55
CA TRP B 13 -34.23 -32.49 36.66
C TRP B 13 -32.95 -32.20 35.88
N LEU B 14 -31.79 -32.12 36.56
CA LEU B 14 -30.49 -31.84 35.93
C LEU B 14 -30.21 -32.78 34.77
N LEU B 15 -30.47 -34.08 34.97
CA LEU B 15 -30.29 -35.12 33.96
C LEU B 15 -31.35 -35.02 32.86
N ALA B 16 -32.61 -34.77 33.25
CA ALA B 16 -33.74 -34.71 32.33
C ALA B 16 -33.69 -33.52 31.41
N ALA B 17 -33.31 -32.33 31.92
CA ALA B 17 -33.29 -31.06 31.21
C ALA B 17 -31.98 -30.75 30.53
N TRP B 18 -30.83 -31.14 31.13
CA TRP B 18 -29.54 -30.77 30.56
C TRP B 18 -28.54 -31.91 30.44
N HIS B 19 -28.89 -33.12 30.90
CA HIS B 19 -28.03 -34.32 30.87
C HIS B 19 -26.74 -34.11 31.71
N VAL B 20 -26.91 -33.31 32.78
CA VAL B 20 -25.88 -32.98 33.75
C VAL B 20 -25.93 -34.03 34.85
N LYS B 21 -24.77 -34.66 35.10
CA LYS B 21 -24.58 -35.66 36.17
C LYS B 21 -23.69 -34.99 37.24
N VAL B 22 -24.11 -35.02 38.52
CA VAL B 22 -23.35 -34.40 39.61
C VAL B 22 -23.18 -35.40 40.76
N PRO B 23 -22.06 -35.35 41.54
CA PRO B 23 -21.93 -36.27 42.68
C PRO B 23 -22.91 -35.89 43.81
N PRO B 24 -23.39 -36.88 44.60
CA PRO B 24 -24.35 -36.57 45.65
C PRO B 24 -23.86 -35.57 46.71
N MET B 25 -22.58 -35.66 47.10
CA MET B 25 -22.01 -34.81 48.11
C MET B 25 -21.96 -33.37 47.67
N TRP B 26 -21.52 -33.08 46.43
CA TRP B 26 -21.50 -31.71 45.92
C TRP B 26 -22.92 -31.15 45.92
N LEU B 27 -23.88 -31.96 45.41
CA LEU B 27 -25.29 -31.59 45.27
C LEU B 27 -25.90 -31.23 46.61
N GLU B 28 -25.62 -32.01 47.67
CA GLU B 28 -26.18 -31.73 48.97
C GLU B 28 -25.57 -30.46 49.57
N ALA B 29 -24.22 -30.29 49.45
CA ALA B 29 -23.47 -29.13 49.94
C ALA B 29 -23.95 -27.84 49.27
N CYS B 30 -24.28 -27.95 47.96
CA CYS B 30 -24.76 -26.89 47.08
C CYS B 30 -26.15 -26.43 47.49
N ILE B 31 -27.09 -27.38 47.74
CA ILE B 31 -28.47 -27.06 48.14
C ILE B 31 -28.41 -26.32 49.47
N ASN B 32 -27.64 -26.83 50.44
CA ASN B 32 -27.47 -26.22 51.76
C ASN B 32 -27.02 -24.76 51.69
N TRP B 33 -26.08 -24.46 50.77
CA TRP B 33 -25.55 -23.12 50.57
C TRP B 33 -26.63 -22.17 50.00
N ILE B 34 -27.37 -22.65 48.98
CA ILE B 34 -28.46 -21.94 48.32
C ILE B 34 -29.53 -21.62 49.39
N GLN B 35 -29.80 -22.55 50.32
CA GLN B 35 -30.76 -22.36 51.41
C GLN B 35 -30.29 -21.28 52.38
N GLU B 36 -28.97 -21.21 52.63
CA GLU B 36 -28.39 -20.20 53.53
C GLU B 36 -28.41 -18.83 52.88
N GLU B 37 -28.06 -18.77 51.57
CA GLU B 37 -28.04 -17.56 50.74
C GLU B 37 -29.45 -16.90 50.68
N ASN B 38 -30.52 -17.69 50.48
CA ASN B 38 -31.94 -17.25 50.45
C ASN B 38 -32.64 -17.62 51.78
N ASN B 39 -31.96 -17.38 52.93
CA ASN B 39 -32.40 -17.72 54.30
C ASN B 39 -33.84 -17.28 54.62
N ASN B 40 -34.21 -16.03 54.21
CA ASN B 40 -35.50 -15.35 54.43
C ASN B 40 -36.72 -16.11 53.82
N VAL B 41 -36.49 -16.90 52.74
CA VAL B 41 -37.54 -17.64 52.04
C VAL B 41 -37.35 -19.17 52.15
N ASN B 42 -38.40 -19.88 51.72
CA ASN B 42 -38.53 -21.31 51.50
C ASN B 42 -38.76 -21.44 49.97
N LEU B 43 -37.66 -21.65 49.22
CA LEU B 43 -37.63 -21.73 47.76
C LEU B 43 -38.39 -22.93 47.21
N SER B 44 -38.98 -22.78 46.01
CA SER B 44 -39.65 -23.88 45.30
C SER B 44 -38.58 -24.81 44.70
N GLN B 45 -38.96 -26.03 44.27
CA GLN B 45 -38.01 -26.94 43.62
C GLN B 45 -37.53 -26.35 42.29
N ALA B 46 -38.43 -25.62 41.58
CA ALA B 46 -38.12 -24.99 40.28
C ALA B 46 -37.00 -23.96 40.41
N GLN B 47 -37.03 -23.16 41.50
CA GLN B 47 -36.03 -22.12 41.80
C GLN B 47 -34.75 -22.78 42.28
N MET B 48 -34.88 -23.83 43.11
CA MET B 48 -33.75 -24.61 43.63
C MET B 48 -32.99 -25.24 42.46
N ASN B 49 -33.71 -25.93 41.55
CA ASN B 49 -33.14 -26.59 40.37
C ASN B 49 -32.36 -25.58 39.51
N LYS B 50 -32.91 -24.37 39.33
CA LYS B 50 -32.26 -23.32 38.55
C LYS B 50 -30.95 -22.90 39.19
N GLN B 51 -30.98 -22.58 40.49
CA GLN B 51 -29.82 -22.08 41.24
C GLN B 51 -28.73 -23.14 41.37
N VAL B 52 -29.10 -24.43 41.50
CA VAL B 52 -28.15 -25.55 41.56
C VAL B 52 -27.39 -25.61 40.22
N PHE B 53 -28.12 -25.51 39.09
CA PHE B 53 -27.58 -25.57 37.74
C PHE B 53 -26.63 -24.39 37.47
N GLU B 54 -26.98 -23.20 37.99
CA GLU B 54 -26.16 -21.99 37.85
C GLU B 54 -24.81 -22.17 38.56
N GLN B 55 -24.82 -22.85 39.74
CA GLN B 55 -23.62 -23.16 40.53
C GLN B 55 -22.79 -24.18 39.82
N TRP B 56 -23.46 -25.16 39.15
CA TRP B 56 -22.78 -26.17 38.37
C TRP B 56 -22.02 -25.51 37.21
N LEU B 57 -22.69 -24.60 36.46
CA LEU B 57 -22.10 -23.89 35.32
C LEU B 57 -20.81 -23.14 35.70
N LEU B 58 -20.72 -22.69 36.96
CA LEU B 58 -19.57 -21.94 37.49
C LEU B 58 -18.51 -22.83 38.16
N THR B 59 -18.83 -24.14 38.36
CA THR B 59 -17.95 -25.15 38.98
C THR B 59 -16.85 -25.67 38.00
N ASP B 60 -15.61 -25.88 38.53
CA ASP B 60 -14.51 -26.47 37.76
C ASP B 60 -14.71 -27.97 37.81
N LEU B 61 -14.99 -28.62 36.65
CA LEU B 61 -15.27 -30.06 36.63
C LEU B 61 -14.08 -30.88 37.17
N ARG B 62 -12.84 -30.33 37.04
CA ARG B 62 -11.58 -30.95 37.51
C ARG B 62 -11.62 -31.13 39.04
N ASP B 63 -12.30 -30.19 39.74
CA ASP B 63 -12.51 -30.19 41.19
C ASP B 63 -13.75 -31.00 41.61
N LEU B 64 -14.60 -31.43 40.63
CA LEU B 64 -15.82 -32.20 40.89
C LEU B 64 -15.58 -33.68 41.06
N GLU B 65 -14.55 -34.23 40.37
CA GLU B 65 -14.14 -35.64 40.43
C GLU B 65 -15.30 -36.63 40.14
N HIS B 66 -16.10 -36.28 39.12
CA HIS B 66 -17.24 -37.10 38.69
C HIS B 66 -17.07 -37.45 37.20
N PRO B 67 -16.52 -38.65 36.89
CA PRO B 67 -16.31 -39.02 35.48
C PRO B 67 -17.61 -39.11 34.69
N LEU B 68 -17.57 -38.64 33.45
CA LEU B 68 -18.74 -38.64 32.56
C LEU B 68 -18.42 -39.47 31.31
N LEU B 69 -17.31 -39.12 30.63
CA LEU B 69 -16.84 -39.78 29.41
C LEU B 69 -16.36 -41.19 29.71
N PRO B 70 -16.62 -42.14 28.76
CA PRO B 70 -16.23 -43.54 28.99
C PRO B 70 -14.72 -43.74 29.15
N ASP B 71 -14.35 -44.80 29.92
CA ASP B 71 -12.97 -45.21 30.23
C ASP B 71 -12.18 -45.56 28.99
N GLY B 72 -10.93 -45.10 28.96
CA GLY B 72 -9.99 -45.35 27.88
C GLY B 72 -10.38 -44.84 26.51
N ILE B 73 -11.14 -43.74 26.48
CA ILE B 73 -11.57 -43.10 25.24
C ILE B 73 -10.30 -42.60 24.47
N LEU B 74 -9.21 -42.30 25.20
CA LEU B 74 -7.93 -41.88 24.65
C LEU B 74 -7.09 -43.11 24.23
N GLU B 75 -7.43 -44.31 24.76
CA GLU B 75 -6.72 -45.56 24.48
C GLU B 75 -7.15 -46.14 23.11
N ILE B 76 -8.39 -45.84 22.67
CA ILE B 76 -8.95 -46.30 21.38
C ILE B 76 -8.45 -45.38 20.25
N PRO B 77 -7.81 -45.94 19.18
CA PRO B 77 -7.32 -45.08 18.08
C PRO B 77 -8.45 -44.44 17.27
N LYS B 78 -9.50 -45.21 16.93
CA LYS B 78 -10.66 -44.70 16.20
C LYS B 78 -11.94 -45.38 16.71
N GLY B 79 -13.05 -44.64 16.67
CA GLY B 79 -14.35 -45.16 17.09
C GLY B 79 -15.47 -44.16 16.97
N GLU B 80 -16.64 -44.53 17.53
CA GLU B 80 -17.84 -43.70 17.56
C GLU B 80 -18.31 -43.56 19.00
N LEU B 81 -18.77 -42.36 19.35
CA LEU B 81 -19.26 -42.05 20.68
C LEU B 81 -20.75 -41.72 20.62
N ASN B 82 -21.55 -42.44 21.41
CA ASN B 82 -22.99 -42.20 21.45
C ASN B 82 -23.42 -41.90 22.87
N GLY B 83 -24.37 -40.98 23.01
CA GLY B 83 -24.87 -40.56 24.31
C GLY B 83 -24.75 -39.08 24.57
N PHE B 84 -25.20 -38.64 25.74
CA PHE B 84 -25.20 -37.22 26.14
C PHE B 84 -24.14 -36.91 27.23
N TYR B 85 -23.29 -35.91 26.96
CA TYR B 85 -22.21 -35.49 27.87
C TYR B 85 -22.17 -33.98 28.04
N ALA B 86 -22.35 -33.49 29.28
CA ALA B 86 -22.26 -32.08 29.62
C ALA B 86 -20.85 -31.83 30.14
N LEU B 87 -19.90 -31.58 29.22
CA LEU B 87 -18.48 -31.36 29.50
C LEU B 87 -18.12 -29.88 29.69
N GLN B 88 -16.81 -29.59 29.78
CA GLN B 88 -16.28 -28.24 30.01
C GLN B 88 -15.14 -27.94 29.05
N ILE B 89 -15.15 -26.75 28.43
CA ILE B 89 -14.07 -26.29 27.55
C ILE B 89 -13.01 -25.61 28.44
N ASN B 90 -11.77 -26.12 28.50
CA ASN B 90 -10.71 -25.50 29.30
C ASN B 90 -10.07 -24.36 28.51
N SER B 91 -9.73 -24.62 27.23
CA SER B 91 -9.14 -23.67 26.30
C SER B 91 -9.71 -23.93 24.90
N LEU B 92 -9.53 -22.97 24.00
CA LEU B 92 -10.08 -22.98 22.65
C LEU B 92 -9.21 -22.14 21.71
N VAL B 93 -9.00 -22.60 20.44
CA VAL B 93 -8.16 -21.88 19.46
C VAL B 93 -8.61 -22.18 17.98
N ASP B 94 -8.41 -21.19 17.08
CA ASP B 94 -8.70 -21.37 15.66
C ASP B 94 -7.44 -21.90 14.95
N VAL B 95 -7.53 -23.11 14.38
CA VAL B 95 -6.38 -23.72 13.70
C VAL B 95 -6.43 -23.48 12.17
N SER B 96 -7.48 -22.78 11.66
CA SER B 96 -7.59 -22.45 10.25
C SER B 96 -6.81 -21.14 9.91
N GLN B 97 -6.40 -20.37 10.97
CA GLN B 97 -5.67 -19.09 10.90
C GLN B 97 -4.36 -19.10 11.71
N PRO B 98 -3.26 -18.44 11.22
CA PRO B 98 -2.00 -18.43 12.02
C PRO B 98 -2.18 -17.70 13.36
N ALA B 99 -1.63 -18.26 14.48
CA ALA B 99 -1.75 -17.62 15.80
C ALA B 99 -1.10 -16.22 15.83
N TYR B 100 -0.02 -16.00 15.03
CA TYR B 100 0.65 -14.70 14.94
C TYR B 100 -0.33 -13.68 14.32
N SER B 101 -1.01 -14.06 13.23
CA SER B 101 -1.98 -13.20 12.56
C SER B 101 -3.13 -12.84 13.54
N GLN B 102 -3.61 -13.85 14.28
CA GLN B 102 -4.68 -13.75 15.26
C GLN B 102 -4.31 -12.86 16.43
N ILE B 103 -3.10 -13.04 17.00
CA ILE B 103 -2.64 -12.27 18.14
C ILE B 103 -2.47 -10.81 17.75
N GLN B 104 -2.03 -10.55 16.49
CA GLN B 104 -1.81 -9.20 16.00
C GLN B 104 -3.11 -8.44 16.00
N LYS B 105 -4.18 -9.06 15.44
CA LYS B 105 -5.49 -8.43 15.34
C LYS B 105 -6.06 -8.22 16.74
N LEU B 106 -5.88 -9.22 17.62
CA LEU B 106 -6.35 -9.18 19.00
C LEU B 106 -5.68 -8.05 19.78
N ARG B 107 -4.38 -7.86 19.54
CA ARG B 107 -3.57 -6.83 20.20
C ARG B 107 -3.84 -5.44 19.61
N GLY B 108 -4.69 -5.39 18.58
CA GLY B 108 -5.16 -4.18 17.94
C GLY B 108 -4.11 -3.37 17.20
N LYS B 109 -2.92 -3.95 17.07
CA LYS B 109 -1.87 -3.28 16.34
C LYS B 109 -2.20 -3.33 14.85
N ASN B 110 -1.92 -2.19 14.16
CA ASN B 110 -2.15 -1.95 12.71
C ASN B 110 -0.95 -2.45 11.88
N THR B 111 -1.22 -3.46 11.03
CA THR B 111 -0.26 -4.10 10.14
C THR B 111 -0.73 -3.91 8.68
N THR B 112 -1.12 -2.68 8.32
CA THR B 112 -1.63 -2.40 6.98
C THR B 112 -0.47 -2.28 6.00
N ASN B 113 0.53 -1.45 6.35
CA ASN B 113 1.74 -1.19 5.58
C ASN B 113 2.59 -2.43 5.40
N ASP B 114 2.39 -3.44 6.26
CA ASP B 114 3.17 -4.67 6.25
C ASP B 114 2.78 -5.56 5.07
N LEU B 115 1.56 -5.41 4.55
CA LEU B 115 1.12 -6.25 3.43
C LEU B 115 1.01 -5.45 2.12
N VAL B 116 1.55 -4.21 2.07
CA VAL B 116 1.54 -3.37 0.88
C VAL B 116 2.66 -3.83 -0.08
N THR B 117 2.29 -4.07 -1.35
CA THR B 117 3.18 -4.47 -2.45
C THR B 117 2.77 -3.72 -3.70
N ALA B 118 3.68 -3.59 -4.67
CA ALA B 118 3.37 -2.96 -5.94
C ALA B 118 2.73 -3.98 -6.90
N GLU B 119 2.92 -5.31 -6.62
CA GLU B 119 2.44 -6.43 -7.43
C GLU B 119 0.93 -6.55 -7.40
N ALA B 120 0.33 -6.65 -8.62
CA ALA B 120 -1.09 -6.73 -8.96
C ALA B 120 -1.85 -7.76 -8.11
N GLN B 121 -3.08 -7.35 -7.70
CA GLN B 121 -4.02 -8.06 -6.83
C GLN B 121 -4.46 -9.39 -7.47
N VAL B 122 -3.85 -10.50 -7.01
CA VAL B 122 -4.13 -11.89 -7.44
C VAL B 122 -5.35 -12.34 -6.60
N THR B 123 -6.59 -11.99 -7.08
CA THR B 123 -7.90 -12.28 -6.43
C THR B 123 -8.01 -13.80 -6.05
N PRO B 124 -7.98 -14.14 -4.73
CA PRO B 124 -8.02 -15.57 -4.35
C PRO B 124 -9.42 -16.18 -4.45
N LYS B 125 -9.48 -17.52 -4.39
CA LYS B 125 -10.72 -18.30 -4.47
C LYS B 125 -11.49 -18.14 -3.12
N PRO B 126 -12.85 -18.26 -3.07
CA PRO B 126 -13.59 -18.01 -1.80
C PRO B 126 -13.24 -18.89 -0.57
N TRP B 127 -12.39 -19.95 -0.72
CA TRP B 127 -11.90 -20.86 0.34
C TRP B 127 -10.39 -20.60 0.63
N GLU B 128 -9.85 -19.50 0.07
CA GLU B 128 -8.51 -18.95 0.24
C GLU B 128 -8.69 -17.52 0.76
N ALA B 129 -9.78 -16.86 0.25
CA ALA B 129 -10.33 -15.56 0.66
C ALA B 129 -10.96 -15.75 2.06
N LYS B 130 -11.65 -16.93 2.31
CA LYS B 130 -12.14 -17.35 3.63
C LYS B 130 -10.86 -17.91 4.32
N PRO B 131 -10.52 -19.22 4.51
CA PRO B 131 -11.33 -20.44 4.44
C PRO B 131 -12.10 -20.60 5.75
N SER B 132 -13.11 -21.49 5.75
CA SER B 132 -13.94 -21.75 6.92
C SER B 132 -13.13 -22.05 8.19
N ARG B 133 -13.59 -21.49 9.29
CA ARG B 133 -12.99 -21.60 10.62
C ARG B 133 -13.05 -23.01 11.16
N MET B 134 -11.99 -23.39 11.88
CA MET B 134 -11.92 -24.67 12.59
C MET B 134 -11.37 -24.47 13.98
N LEU B 135 -12.29 -24.46 14.95
CA LEU B 135 -11.94 -24.34 16.35
C LEU B 135 -11.54 -25.70 16.89
N MET B 136 -10.47 -25.73 17.70
CA MET B 136 -9.98 -26.92 18.40
C MET B 136 -10.15 -26.67 19.89
N LEU B 137 -11.20 -27.31 20.44
CA LEU B 137 -11.67 -27.26 21.82
C LEU B 137 -10.90 -28.24 22.69
N GLN B 138 -10.51 -27.81 23.91
CA GLN B 138 -9.89 -28.70 24.88
C GLN B 138 -10.98 -29.04 25.91
N LEU B 139 -11.66 -30.18 25.70
CA LEU B 139 -12.79 -30.64 26.50
C LEU B 139 -12.38 -31.56 27.63
N THR B 140 -13.12 -31.49 28.76
CA THR B 140 -12.85 -32.32 29.94
C THR B 140 -14.13 -32.61 30.72
N ASP B 141 -14.18 -33.79 31.36
CA ASP B 141 -15.25 -34.23 32.24
C ASP B 141 -14.73 -34.06 33.68
N GLY B 142 -13.50 -33.55 33.76
CA GLY B 142 -12.78 -33.31 35.00
C GLY B 142 -11.78 -34.36 35.37
N ILE B 143 -11.77 -35.49 34.63
CA ILE B 143 -10.87 -36.64 34.88
C ILE B 143 -10.04 -36.91 33.62
N VAL B 144 -10.70 -36.98 32.44
CA VAL B 144 -10.07 -37.23 31.15
C VAL B 144 -10.10 -35.95 30.33
N GLN B 145 -9.03 -35.66 29.54
CA GLN B 145 -9.00 -34.49 28.67
C GLN B 145 -8.91 -34.94 27.21
N ILE B 146 -9.91 -34.55 26.40
CA ILE B 146 -9.96 -34.84 24.97
C ILE B 146 -10.17 -33.55 24.20
N GLN B 147 -10.03 -33.69 22.89
CA GLN B 147 -10.13 -32.61 21.94
C GLN B 147 -11.42 -32.68 21.16
N GLY B 148 -11.96 -31.50 20.86
CA GLY B 148 -13.17 -31.34 20.08
C GLY B 148 -12.88 -30.49 18.87
N MET B 149 -13.15 -31.03 17.66
CA MET B 149 -12.89 -30.39 16.38
C MET B 149 -14.16 -29.94 15.69
N GLU B 150 -14.12 -28.74 15.10
CA GLU B 150 -15.22 -28.18 14.32
C GLU B 150 -15.18 -28.86 12.93
N TYR B 151 -15.68 -30.13 12.83
CA TYR B 151 -15.73 -30.94 11.60
C TYR B 151 -16.60 -30.25 10.55
N GLN B 152 -17.74 -29.71 10.98
CA GLN B 152 -18.66 -28.94 10.14
C GLN B 152 -18.87 -27.60 10.85
N PRO B 153 -19.19 -26.48 10.18
CA PRO B 153 -19.30 -25.20 10.90
C PRO B 153 -20.36 -25.20 12.01
N ILE B 154 -19.89 -24.97 13.27
CA ILE B 154 -20.71 -24.87 14.48
C ILE B 154 -20.71 -23.38 14.89
N PRO B 155 -21.69 -22.57 14.39
CA PRO B 155 -21.67 -21.12 14.68
C PRO B 155 -21.85 -20.72 16.15
N ILE B 156 -22.40 -21.61 17.04
CA ILE B 156 -22.62 -21.29 18.46
C ILE B 156 -21.28 -21.21 19.22
N LEU B 157 -20.25 -21.91 18.71
CA LEU B 157 -18.90 -21.85 19.25
C LEU B 157 -18.18 -20.68 18.58
N HIS B 158 -17.35 -19.99 19.36
CA HIS B 158 -16.52 -18.86 18.95
C HIS B 158 -15.32 -18.81 19.87
N SER B 159 -14.19 -18.29 19.39
CA SER B 159 -12.92 -18.22 20.13
C SER B 159 -13.00 -17.42 21.45
N ASP B 160 -14.00 -16.52 21.60
CA ASP B 160 -14.16 -15.67 22.77
C ASP B 160 -15.01 -16.31 23.90
N LEU B 161 -15.38 -17.61 23.77
CA LEU B 161 -16.11 -18.32 24.82
C LEU B 161 -15.22 -18.37 26.07
N PRO B 162 -15.76 -18.02 27.26
CA PRO B 162 -14.91 -17.98 28.46
C PRO B 162 -14.36 -19.35 28.86
N PRO B 163 -13.04 -19.49 29.21
CA PRO B 163 -12.53 -20.77 29.70
C PRO B 163 -13.37 -21.27 30.87
N GLY B 164 -13.77 -22.53 30.79
CA GLY B 164 -14.65 -23.15 31.76
C GLY B 164 -16.08 -23.25 31.29
N THR B 165 -16.36 -22.78 30.04
CA THR B 165 -17.68 -22.82 29.40
C THR B 165 -18.17 -24.27 29.37
N LYS B 166 -19.41 -24.51 29.79
CA LYS B 166 -20.01 -25.84 29.79
C LYS B 166 -20.78 -26.04 28.51
N ILE B 167 -20.51 -27.18 27.84
CA ILE B 167 -21.19 -27.51 26.58
C ILE B 167 -21.68 -28.94 26.59
N LEU B 168 -22.85 -29.14 25.99
CA LEU B 168 -23.45 -30.46 25.80
C LEU B 168 -22.99 -31.02 24.45
N ILE B 169 -22.39 -32.21 24.51
CA ILE B 169 -21.85 -33.01 23.43
C ILE B 169 -22.75 -34.25 23.37
N TYR B 170 -23.54 -34.39 22.30
CA TYR B 170 -24.53 -35.47 22.19
C TYR B 170 -24.59 -36.10 20.78
N GLY B 171 -25.41 -37.13 20.65
CA GLY B 171 -25.62 -37.87 19.41
C GLY B 171 -24.47 -38.77 19.05
N ASN B 172 -24.43 -39.18 17.77
CA ASN B 172 -23.37 -40.04 17.26
C ASN B 172 -22.21 -39.17 16.84
N ILE B 173 -21.02 -39.38 17.44
CA ILE B 173 -19.82 -38.58 17.14
C ILE B 173 -18.62 -39.48 16.90
N SER B 174 -18.08 -39.42 15.68
CA SER B 174 -16.89 -40.19 15.29
C SER B 174 -15.66 -39.55 15.92
N PHE B 175 -14.79 -40.37 16.54
CA PHE B 175 -13.58 -39.85 17.16
C PHE B 175 -12.34 -40.61 16.68
N ARG B 176 -11.20 -39.90 16.61
CA ARG B 176 -9.92 -40.43 16.17
C ARG B 176 -8.80 -39.75 16.91
N LEU B 177 -7.83 -40.52 17.41
CA LEU B 177 -6.62 -40.04 18.11
C LEU B 177 -6.93 -38.95 19.17
N GLY B 178 -7.98 -39.17 19.96
CA GLY B 178 -8.42 -38.28 21.04
C GLY B 178 -9.06 -36.99 20.58
N VAL B 179 -9.57 -36.97 19.34
CA VAL B 179 -10.22 -35.82 18.71
C VAL B 179 -11.64 -36.23 18.29
N LEU B 180 -12.65 -35.51 18.79
CA LEU B 180 -14.05 -35.71 18.44
C LEU B 180 -14.36 -34.92 17.20
N LEU B 181 -15.00 -35.53 16.18
CA LEU B 181 -15.36 -34.84 14.94
C LEU B 181 -16.78 -34.32 15.10
N LEU B 182 -16.90 -33.12 15.71
CA LEU B 182 -18.17 -32.49 16.07
C LEU B 182 -18.81 -31.76 14.92
N LYS B 183 -20.11 -32.03 14.73
CA LYS B 183 -20.98 -31.38 13.75
C LYS B 183 -21.95 -30.49 14.54
N PRO B 184 -22.53 -29.39 13.97
CA PRO B 184 -23.48 -28.55 14.74
C PRO B 184 -24.59 -29.30 15.49
N GLU B 185 -25.13 -30.38 14.87
CA GLU B 185 -26.18 -31.26 15.42
C GLU B 185 -25.72 -32.05 16.66
N ASN B 186 -24.42 -31.99 16.99
CA ASN B 186 -23.83 -32.69 18.15
C ASN B 186 -23.40 -31.72 19.28
N VAL B 187 -23.55 -30.40 19.09
CA VAL B 187 -23.11 -29.42 20.10
C VAL B 187 -24.28 -28.52 20.54
N LYS B 188 -24.29 -28.18 21.84
CA LYS B 188 -25.22 -27.27 22.51
C LYS B 188 -24.42 -26.51 23.62
N VAL B 189 -24.37 -25.15 23.60
CA VAL B 189 -23.61 -24.38 24.60
C VAL B 189 -24.51 -24.09 25.80
N LEU B 190 -24.09 -24.53 27.01
CA LEU B 190 -24.88 -24.33 28.23
C LEU B 190 -24.54 -23.02 28.91
N GLY B 191 -23.29 -22.59 28.80
CA GLY B 191 -22.79 -21.35 29.41
C GLY B 191 -21.84 -21.55 30.58
N GLY B 192 -21.79 -20.55 31.46
CA GLY B 192 -20.92 -20.58 32.62
C GLY B 192 -19.47 -20.22 32.30
N GLU B 193 -18.59 -20.35 33.32
CA GLU B 193 -17.15 -20.06 33.25
C GLU B 193 -16.45 -20.52 34.53
N VAL B 194 -15.11 -20.67 34.47
CA VAL B 194 -14.31 -21.07 35.63
C VAL B 194 -13.27 -19.99 35.85
N ASP B 195 -13.41 -19.24 36.97
CA ASP B 195 -12.54 -18.12 37.34
C ASP B 195 -11.05 -18.48 37.24
N ALA B 196 -10.66 -19.63 37.81
CA ALA B 196 -9.30 -20.19 37.82
C ALA B 196 -8.72 -20.40 36.40
N LEU B 197 -9.59 -20.67 35.40
CA LEU B 197 -9.22 -20.90 33.99
C LEU B 197 -9.21 -19.60 33.15
N LEU B 198 -10.06 -18.60 33.50
CA LEU B 198 -10.17 -17.31 32.80
C LEU B 198 -8.83 -16.64 32.74
N GLU B 199 -8.07 -16.78 33.82
CA GLU B 199 -6.75 -16.20 34.05
C GLU B 199 -5.71 -16.79 33.07
N GLU B 200 -5.45 -18.10 33.18
CA GLU B 200 -4.46 -18.83 32.40
C GLU B 200 -4.83 -19.04 30.93
N TYR B 201 -6.09 -19.39 30.60
CA TYR B 201 -6.39 -19.76 29.22
C TYR B 201 -7.16 -18.72 28.41
N ALA B 202 -6.90 -17.44 28.73
CA ALA B 202 -7.45 -16.31 27.97
C ALA B 202 -6.85 -16.37 26.59
N GLN B 203 -7.65 -16.02 25.56
CA GLN B 203 -7.27 -16.10 24.15
C GLN B 203 -5.89 -15.49 23.88
N GLU B 204 -5.57 -14.33 24.48
CA GLU B 204 -4.25 -13.73 24.32
C GLU B 204 -3.14 -14.70 24.75
N LYS B 205 -3.29 -15.33 25.94
CA LYS B 205 -2.31 -16.27 26.53
C LYS B 205 -2.19 -17.56 25.71
N VAL B 206 -3.32 -18.12 25.25
CA VAL B 206 -3.42 -19.34 24.40
C VAL B 206 -2.55 -19.15 23.12
N LEU B 207 -2.78 -18.01 22.40
CA LEU B 207 -2.09 -17.66 21.16
C LEU B 207 -0.61 -17.34 21.39
N ALA B 208 -0.28 -16.59 22.47
CA ALA B 208 1.10 -16.21 22.83
C ALA B 208 1.99 -17.46 23.03
N ARG B 209 1.40 -18.54 23.58
CA ARG B 209 2.07 -19.83 23.79
C ARG B 209 2.41 -20.48 22.46
N LEU B 210 1.51 -20.34 21.46
CA LEU B 210 1.68 -20.93 20.13
C LEU B 210 2.69 -20.18 19.26
N ILE B 211 3.16 -18.99 19.71
CA ILE B 211 4.16 -18.23 18.96
C ILE B 211 5.46 -18.10 19.82
N GLY B 212 5.48 -18.82 20.95
CA GLY B 212 6.62 -18.89 21.86
C GLY B 212 6.96 -17.65 22.66
N GLU B 213 5.94 -16.95 23.16
CA GLU B 213 6.16 -15.77 23.98
C GLU B 213 6.46 -16.18 25.43
N PRO B 214 7.51 -15.58 26.05
CA PRO B 214 7.91 -15.99 27.41
C PRO B 214 6.98 -15.57 28.57
N ASP B 215 7.31 -16.08 29.79
CA ASP B 215 6.69 -15.86 31.10
C ASP B 215 5.25 -16.43 31.19
N LEU B 216 4.95 -17.48 30.38
CA LEU B 216 3.63 -18.11 30.29
C LEU B 216 3.67 -19.60 30.65
#